data_9OEA
#
_entry.id   9OEA
#
_cell.length_a   1.00
_cell.length_b   1.00
_cell.length_c   1.00
_cell.angle_alpha   90.00
_cell.angle_beta   90.00
_cell.angle_gamma   90.00
#
_symmetry.space_group_name_H-M   'P 1'
#
loop_
_entity.id
_entity.type
_entity.pdbx_description
1 polymer 'Capsid protein VP1'
2 polymer 'Capsid protein VP2'
3 polymer 'Capsid protein VP3'
4 polymer 'Capsid protein VP4'
5 polymer '5E12 Heavy Chain'
6 polymer '5E12 Light Chain'
7 non-polymer 'PALMITIC ACID'
#
loop_
_entity_poly.entity_id
_entity_poly.type
_entity_poly.pdbx_seq_one_letter_code
_entity_poly.pdbx_strand_id
1 'polypeptide(L)'
;GLGQMLESMIDNTVRETVGAATSRDALPNTEASGPAHSKEIPALTAVETGATNPLVPSDTVQTRHVVQHRSRSESSIESF
FARGACVAIITVDNSASTKNKDKLFTVWKITYKDTVQLRRKLEFFTYSRFDMEFTFVVTANFTETNNGHALNQVYQIMYV
PPGAPVPEKWDDYTWQTSSNPSIFYTYGTAPARISVPYVGISNAYSHFYDGFSKVPLKDQSAALGDSLYGAASLNDFGIL
AVRVVNDHNPTKVTSKIRVYLKPKHIRVWCPRPPRAVAYYGPGVDYKDGTLTPLSTKDLTTY
;
1
2 'polypeptide(L)'
;SPNIEACGYSDRVLQLTLGNSTITTQEAANSVVAYGRWPEYLRDSEANPVDQPTEPDVAACRFYTLDTVSWTKESRGWWW
KLPDALRDMGLFGQNMYYHYLGRSGYTVHVQCNASKFHQGALGVFAVPEMCLAGDSNTTTMHTSYQNANPGEKGGTFTGT
FTPDDNQTSPARRFCPVDYLFGNGTLLGNAFVFPHQIINLRTNNCATLVLPYVNSLSIDSMVKHNNWGIAILPLAPLNFA
SESSPEIPITLTIAPMCCEFNGLRNITLPRLQ
;
2
3 'polypeptide(L)'
;GLPVMNTPGSNQYLTADNFQSPCALPEFDVTPPIDIPGEVKNMMELAEIDTMIPFDLSAKKKNTMEMYRVRLSDKPHTDD
PILCLSLSPASDPRLSHTMLGEILNYYTHWAGSLKFTFLFCGSMMATGKLLVSYAPPGADPPKKRKEAMLGTHVIWDIGL
QSSCTMVVPWISNTTYRQTIDDSFTEGGYISVFYQTRIVVPLSTPREMDILGFVSACNDFSVRLMRDTTHIEQKALAQ
;
3
4 'polypeptide(L)' GAQVSSQKVGAHENSNRAYGGSTINYTTINYYRDSASNAASKQDFSQDPSKFTEPIKDVLIKTSPMLN 4
5 'polypeptide(L)'
;QVQLVESGGGVVQPGRSLKLSCAASGFTFSTYAMHWVRQAPGKGLEWVAVMWNDGLNKYYAESGKGRFTIFRDNFKSTLY
LQMNSLRAEDTAVYYCARDRSRYCSNISCSRFIFDYWGQGTLVTVSS
;
H
6 'polypeptide(L)'
;DIQMTQSPSSLSASVGDRVTITCQASQDINNYLNWYQQKPGKAPNLLIYDASNLETGVPSRFSGGGSGTDFTLTISSLQP
EDVATYHCQHYDNLPLSFGGGTKVEIK
;
L
#
# COMPACT_ATOMS: atom_id res chain seq x y z
N THR A 22 1.29 -10.68 -33.53
CA THR A 22 1.80 -10.71 -32.13
C THR A 22 0.65 -10.88 -31.14
N SER A 23 -0.09 -11.97 -31.28
CA SER A 23 -1.20 -12.28 -30.38
C SER A 23 -1.25 -13.79 -30.20
N ARG A 24 -0.98 -14.25 -28.98
CA ARG A 24 -0.91 -15.68 -28.64
C ARG A 24 -0.09 -16.47 -29.67
N ASP A 25 0.90 -15.83 -30.28
CA ASP A 25 1.75 -16.50 -31.25
C ASP A 25 2.91 -17.21 -30.55
N ALA A 26 3.45 -18.21 -31.22
CA ALA A 26 4.49 -19.04 -30.62
C ALA A 26 5.78 -18.25 -30.44
N LEU A 27 6.58 -18.68 -29.46
CA LEU A 27 7.85 -18.05 -29.18
C LEU A 27 8.85 -18.36 -30.29
N PRO A 28 9.89 -17.53 -30.44
CA PRO A 28 10.83 -17.72 -31.55
C PRO A 28 11.57 -19.04 -31.45
N ASN A 29 11.93 -19.58 -32.61
CA ASN A 29 12.63 -20.85 -32.68
C ASN A 29 14.08 -20.70 -32.23
N THR A 30 14.75 -21.84 -32.08
CA THR A 30 16.17 -21.89 -31.73
C THR A 30 16.97 -22.33 -32.95
N GLU A 31 18.08 -21.66 -33.19
CA GLU A 31 18.90 -21.93 -34.37
C GLU A 31 20.04 -22.89 -34.02
N ALA A 32 20.77 -23.29 -35.05
CA ALA A 32 21.94 -24.14 -34.88
C ALA A 32 23.21 -23.32 -34.94
N SER A 33 24.16 -23.66 -34.06
CA SER A 33 25.42 -22.92 -33.97
C SER A 33 26.58 -23.90 -33.87
N GLY A 34 27.68 -23.55 -34.52
CA GLY A 34 28.88 -24.36 -34.49
C GLY A 34 29.94 -23.74 -33.60
N PRO A 35 31.18 -24.23 -33.70
CA PRO A 35 32.26 -23.66 -32.89
C PRO A 35 32.56 -22.23 -33.31
N ALA A 36 33.02 -21.45 -32.34
CA ALA A 36 33.29 -20.03 -32.55
C ALA A 36 34.72 -19.71 -32.14
N HIS A 37 35.39 -18.91 -32.97
CA HIS A 37 36.75 -18.44 -32.69
C HIS A 37 36.87 -17.06 -33.34
N SER A 38 36.61 -16.02 -32.55
CA SER A 38 36.60 -14.67 -33.07
C SER A 38 36.82 -13.68 -31.93
N LYS A 39 36.73 -12.40 -32.26
CA LYS A 39 36.94 -11.31 -31.32
C LYS A 39 35.65 -10.78 -30.72
N GLU A 40 34.54 -11.50 -30.88
CA GLU A 40 33.23 -11.09 -30.37
C GLU A 40 33.00 -11.77 -29.02
N ILE A 41 32.53 -10.99 -28.05
CA ILE A 41 32.45 -11.44 -26.66
C ILE A 41 31.06 -11.19 -26.09
N PRO A 42 30.04 -11.95 -26.50
CA PRO A 42 28.70 -11.75 -25.93
C PRO A 42 28.65 -11.92 -24.42
N ALA A 43 29.45 -12.85 -23.87
CA ALA A 43 29.34 -13.19 -22.45
C ALA A 43 29.88 -12.11 -21.53
N LEU A 44 30.69 -11.19 -22.02
CA LEU A 44 31.24 -10.10 -21.20
C LEU A 44 30.37 -8.85 -21.38
N THR A 45 29.97 -8.25 -20.27
CA THR A 45 29.08 -7.11 -20.29
C THR A 45 29.44 -6.19 -19.13
N ALA A 46 28.54 -5.23 -18.87
CA ALA A 46 28.71 -4.26 -17.79
C ALA A 46 27.35 -4.07 -17.11
N VAL A 47 27.19 -4.68 -15.93
CA VAL A 47 25.95 -4.51 -15.18
C VAL A 47 25.82 -3.07 -14.67
N GLU A 48 26.95 -2.36 -14.57
CA GLU A 48 26.92 -1.01 -14.01
C GLU A 48 26.07 -0.07 -14.85
N THR A 49 25.93 -0.34 -16.15
CA THR A 49 25.17 0.55 -17.02
C THR A 49 23.67 0.49 -16.77
N GLY A 50 23.20 -0.54 -16.05
CA GLY A 50 21.79 -0.70 -15.77
C GLY A 50 21.03 -1.56 -16.75
N ALA A 51 21.64 -1.92 -17.88
CA ALA A 51 20.98 -2.77 -18.86
C ALA A 51 21.31 -4.24 -18.60
N THR A 52 20.45 -5.12 -19.11
CA THR A 52 20.61 -6.56 -18.98
C THR A 52 21.08 -7.13 -20.30
N ASN A 53 22.04 -8.05 -20.24
CA ASN A 53 22.60 -8.65 -21.44
C ASN A 53 21.58 -9.57 -22.09
N PRO A 54 21.14 -9.30 -23.34
CA PRO A 54 20.11 -10.12 -23.99
C PRO A 54 20.68 -11.34 -24.72
N LEU A 55 21.19 -12.30 -23.95
CA LEU A 55 21.82 -13.48 -24.55
C LEU A 55 20.80 -14.58 -24.81
N VAL A 56 21.17 -15.49 -25.68
CA VAL A 56 20.42 -16.73 -25.93
C VAL A 56 21.40 -17.88 -25.84
N PRO A 57 20.91 -19.10 -25.60
CA PRO A 57 21.84 -20.23 -25.45
C PRO A 57 22.73 -20.43 -26.67
N SER A 58 22.28 -20.04 -27.85
CA SER A 58 23.09 -20.19 -29.05
C SER A 58 24.35 -19.33 -29.03
N ASP A 59 24.41 -18.33 -28.15
CA ASP A 59 25.57 -17.44 -28.10
C ASP A 59 26.70 -17.99 -27.22
N THR A 60 26.49 -19.10 -26.52
CA THR A 60 27.51 -19.64 -25.63
C THR A 60 27.79 -21.12 -25.81
N VAL A 61 26.83 -21.90 -26.33
CA VAL A 61 27.03 -23.34 -26.54
C VAL A 61 26.50 -23.70 -27.92
N GLN A 62 26.98 -24.83 -28.42
CA GLN A 62 26.46 -25.36 -29.67
C GLN A 62 25.05 -25.89 -29.48
N THR A 63 24.18 -25.63 -30.45
CA THR A 63 22.77 -25.93 -30.33
C THR A 63 22.27 -26.57 -31.62
N ARG A 64 21.16 -27.30 -31.51
CA ARG A 64 20.46 -27.87 -32.65
C ARG A 64 19.21 -27.06 -32.95
N HIS A 65 18.77 -27.11 -34.20
CA HIS A 65 17.57 -26.39 -34.60
C HIS A 65 16.33 -27.14 -34.13
N VAL A 66 15.42 -26.42 -33.50
CA VAL A 66 14.17 -27.00 -33.00
C VAL A 66 13.04 -25.99 -33.20
N VAL A 67 11.88 -26.49 -33.60
CA VAL A 67 10.70 -25.65 -33.79
C VAL A 67 10.00 -25.47 -32.46
N GLN A 68 9.69 -24.22 -32.12
CA GLN A 68 9.10 -23.88 -30.83
C GLN A 68 7.58 -23.88 -30.91
N HIS A 69 6.93 -24.35 -29.85
CA HIS A 69 5.47 -24.40 -29.77
C HIS A 69 4.90 -23.64 -28.58
N ARG A 70 5.69 -23.36 -27.55
CA ARG A 70 5.15 -22.76 -26.34
C ARG A 70 4.82 -21.29 -26.56
N SER A 71 3.88 -20.79 -25.74
CA SER A 71 3.44 -19.41 -25.85
C SER A 71 3.12 -18.89 -24.45
N ARG A 72 3.07 -17.55 -24.35
CA ARG A 72 2.85 -16.87 -23.08
C ARG A 72 1.40 -16.41 -22.92
N SER A 73 0.45 -17.19 -23.45
CA SER A 73 -0.92 -16.73 -23.57
C SER A 73 -1.58 -16.44 -22.23
N GLU A 74 -1.18 -17.12 -21.16
CA GLU A 74 -1.88 -17.02 -19.88
C GLU A 74 -0.99 -16.56 -18.74
N SER A 75 0.15 -15.94 -19.03
CA SER A 75 0.86 -15.12 -18.06
C SER A 75 0.57 -13.64 -18.29
N SER A 76 -0.35 -13.31 -19.18
CA SER A 76 -0.66 -11.92 -19.48
C SER A 76 -1.41 -11.27 -18.32
N ILE A 77 -1.48 -9.94 -18.36
CA ILE A 77 -2.09 -9.19 -17.26
C ILE A 77 -3.57 -9.51 -17.16
N GLU A 78 -4.24 -9.68 -18.30
CA GLU A 78 -5.66 -10.00 -18.28
C GLU A 78 -5.91 -11.35 -17.62
N SER A 79 -5.11 -12.36 -17.95
CA SER A 79 -5.31 -13.69 -17.39
C SER A 79 -4.78 -13.78 -15.97
N PHE A 80 -3.89 -12.87 -15.57
CA PHE A 80 -3.35 -12.91 -14.22
C PHE A 80 -4.35 -12.38 -13.19
N PHE A 81 -5.36 -11.64 -13.65
CA PHE A 81 -6.40 -11.10 -12.78
C PHE A 81 -7.78 -11.66 -13.09
N ALA A 82 -7.87 -12.81 -13.75
CA ALA A 82 -9.14 -13.36 -14.18
C ALA A 82 -9.73 -14.30 -13.13
N ARG A 83 -9.40 -14.06 -11.86
CA ARG A 83 -9.88 -14.86 -10.74
C ARG A 83 -10.73 -13.98 -9.85
N GLY A 84 -11.86 -14.53 -9.39
CA GLY A 84 -12.68 -13.85 -8.39
C GLY A 84 -12.11 -14.07 -7.01
N ALA A 85 -11.87 -13.00 -6.27
CA ALA A 85 -11.22 -13.07 -4.95
C ALA A 85 -12.11 -12.44 -3.89
N CYS A 86 -12.20 -13.10 -2.74
CA CYS A 86 -13.00 -12.59 -1.64
C CYS A 86 -12.33 -11.35 -1.05
N VAL A 87 -13.14 -10.37 -0.64
CA VAL A 87 -12.61 -9.16 -0.04
C VAL A 87 -13.29 -8.81 1.29
N ALA A 88 -14.47 -9.34 1.59
CA ALA A 88 -15.15 -8.97 2.81
C ALA A 88 -16.18 -10.03 3.18
N ILE A 89 -16.57 -10.01 4.46
CA ILE A 89 -17.69 -10.80 4.97
C ILE A 89 -18.54 -9.87 5.83
N ILE A 90 -19.83 -9.80 5.51
CA ILE A 90 -20.77 -8.88 6.16
C ILE A 90 -21.82 -9.70 6.90
N THR A 91 -22.06 -9.37 8.16
CA THR A 91 -22.94 -10.13 9.04
C THR A 91 -24.13 -9.28 9.45
N VAL A 92 -25.33 -9.84 9.35
CA VAL A 92 -26.56 -9.19 9.79
C VAL A 92 -27.40 -10.21 10.54
N ASP A 93 -28.37 -9.72 11.31
CA ASP A 93 -29.24 -10.55 12.12
C ASP A 93 -30.70 -10.24 11.83
N ASN A 94 -31.57 -11.19 12.17
CA ASN A 94 -33.02 -11.07 12.02
C ASN A 94 -33.66 -11.63 13.28
N SER A 95 -33.91 -10.77 14.26
CA SER A 95 -34.46 -11.21 15.53
C SER A 95 -35.23 -10.05 16.15
N ALA A 96 -36.01 -10.37 17.17
CA ALA A 96 -36.81 -9.36 17.86
C ALA A 96 -35.91 -8.23 18.35
N SER A 97 -36.31 -7.00 18.05
CA SER A 97 -35.48 -5.83 18.35
C SER A 97 -35.27 -5.64 19.85
N THR A 98 -36.20 -6.08 20.69
CA THR A 98 -36.06 -5.89 22.12
C THR A 98 -34.88 -6.66 22.70
N LYS A 99 -34.39 -7.67 21.98
CA LYS A 99 -33.34 -8.52 22.52
C LYS A 99 -32.03 -7.75 22.66
N ASN A 100 -31.09 -8.35 23.39
CA ASN A 100 -29.81 -7.69 23.65
C ASN A 100 -29.11 -7.30 22.35
N LYS A 101 -29.26 -8.11 21.30
CA LYS A 101 -28.69 -7.81 19.99
C LYS A 101 -29.82 -7.45 19.05
N ASP A 102 -29.76 -6.22 18.51
CA ASP A 102 -30.85 -5.70 17.70
C ASP A 102 -30.83 -6.35 16.31
N LYS A 103 -31.81 -5.98 15.48
CA LYS A 103 -31.87 -6.45 14.11
C LYS A 103 -30.76 -5.74 13.34
N LEU A 104 -29.57 -6.32 13.40
CA LEU A 104 -28.34 -5.63 13.07
C LEU A 104 -28.15 -5.49 11.57
N PHE A 105 -28.57 -4.37 11.00
CA PHE A 105 -28.11 -3.99 9.68
C PHE A 105 -26.66 -3.52 9.77
N THR A 106 -25.88 -3.84 8.75
CA THR A 106 -24.43 -3.66 8.80
C THR A 106 -23.96 -2.74 7.68
N VAL A 107 -22.88 -2.01 7.95
CA VAL A 107 -22.29 -1.05 7.02
C VAL A 107 -20.85 -1.45 6.77
N TRP A 108 -20.44 -1.42 5.51
CA TRP A 108 -19.07 -1.76 5.10
C TRP A 108 -18.59 -0.74 4.08
N LYS A 109 -17.38 -0.24 4.26
CA LYS A 109 -16.79 0.72 3.31
C LYS A 109 -15.93 -0.04 2.31
N ILE A 110 -16.14 0.26 1.02
CA ILE A 110 -15.61 -0.58 -0.04
C ILE A 110 -14.11 -0.41 -0.14
N THR A 111 -13.39 -1.53 -0.07
CA THR A 111 -11.94 -1.54 -0.22
C THR A 111 -11.50 -2.96 -0.54
N TYR A 112 -10.28 -3.09 -1.04
CA TYR A 112 -9.67 -4.40 -1.26
C TYR A 112 -8.55 -4.71 -0.28
N LYS A 113 -8.31 -3.83 0.70
CA LYS A 113 -7.18 -3.99 1.62
C LYS A 113 -7.56 -4.73 2.89
N ASP A 114 -8.81 -5.21 3.02
CA ASP A 114 -9.18 -6.03 4.16
C ASP A 114 -8.66 -7.45 4.05
N THR A 115 -8.21 -7.87 2.87
CA THR A 115 -7.62 -9.18 2.66
C THR A 115 -6.27 -8.99 1.99
N VAL A 116 -5.46 -10.04 1.99
CA VAL A 116 -4.06 -9.91 1.60
C VAL A 116 -3.78 -10.44 0.19
N GLN A 117 -4.58 -11.39 -0.31
CA GLN A 117 -4.25 -12.06 -1.56
C GLN A 117 -4.39 -11.12 -2.76
N LEU A 118 -5.61 -10.63 -2.99
CA LEU A 118 -5.81 -9.69 -4.09
C LEU A 118 -5.02 -8.41 -3.86
N ARG A 119 -4.86 -7.99 -2.61
CA ARG A 119 -4.03 -6.83 -2.32
C ARG A 119 -2.61 -7.04 -2.80
N ARG A 120 -2.02 -8.19 -2.48
CA ARG A 120 -0.66 -8.47 -2.90
C ARG A 120 -0.57 -8.54 -4.42
N LYS A 121 -1.55 -9.17 -5.08
CA LYS A 121 -1.51 -9.24 -6.53
C LYS A 121 -1.58 -7.85 -7.16
N LEU A 122 -2.47 -6.99 -6.67
CA LEU A 122 -2.62 -5.66 -7.24
C LEU A 122 -1.38 -4.81 -6.99
N GLU A 123 -0.76 -4.93 -5.82
CA GLU A 123 0.36 -4.06 -5.49
C GLU A 123 1.66 -4.47 -6.16
N PHE A 124 1.62 -5.34 -7.17
CA PHE A 124 2.76 -5.52 -8.07
C PHE A 124 3.02 -4.30 -8.93
N PHE A 125 2.07 -3.34 -8.96
CA PHE A 125 2.14 -2.21 -9.87
C PHE A 125 1.75 -0.95 -9.11
N THR A 126 1.99 0.21 -9.75
CA THR A 126 1.72 1.49 -9.11
C THR A 126 0.37 2.07 -9.50
N TYR A 127 -0.01 1.94 -10.77
CA TYR A 127 -1.26 2.49 -11.27
C TYR A 127 -1.98 1.43 -12.09
N SER A 128 -3.31 1.55 -12.14
CA SER A 128 -4.11 0.58 -12.88
C SER A 128 -5.48 1.16 -13.19
N ARG A 129 -6.09 0.63 -14.26
CA ARG A 129 -7.46 0.94 -14.66
C ARG A 129 -8.18 -0.39 -14.92
N PHE A 130 -9.43 -0.49 -14.48
CA PHE A 130 -10.19 -1.71 -14.74
C PHE A 130 -11.64 -1.51 -14.32
N ASP A 131 -12.52 -2.25 -14.99
CA ASP A 131 -13.90 -2.39 -14.55
C ASP A 131 -14.00 -3.52 -13.54
N MET A 132 -15.03 -3.45 -12.69
CA MET A 132 -15.20 -4.40 -11.59
C MET A 132 -16.44 -5.25 -11.79
N GLU A 133 -16.37 -6.49 -11.33
CA GLU A 133 -17.52 -7.38 -11.25
C GLU A 133 -17.69 -7.83 -9.82
N PHE A 134 -18.88 -7.63 -9.27
CA PHE A 134 -19.19 -7.98 -7.89
C PHE A 134 -20.09 -9.20 -7.86
N THR A 135 -19.76 -10.17 -7.01
CA THR A 135 -20.58 -11.36 -6.79
C THR A 135 -20.84 -11.50 -5.30
N PHE A 136 -22.08 -11.83 -4.95
CA PHE A 136 -22.49 -11.93 -3.55
C PHE A 136 -23.01 -13.34 -3.28
N VAL A 137 -22.45 -13.97 -2.24
CA VAL A 137 -22.87 -15.30 -1.79
C VAL A 137 -23.41 -15.15 -0.38
N VAL A 138 -24.64 -15.64 -0.17
CA VAL A 138 -25.36 -15.46 1.09
C VAL A 138 -25.62 -16.82 1.71
N THR A 139 -25.34 -16.94 3.00
CA THR A 139 -25.64 -18.14 3.77
C THR A 139 -26.25 -17.73 5.10
N ALA A 140 -27.07 -18.61 5.66
CA ALA A 140 -27.77 -18.33 6.91
C ALA A 140 -27.90 -19.61 7.72
N ASN A 141 -28.13 -19.45 9.02
CA ASN A 141 -28.27 -20.59 9.91
C ASN A 141 -28.98 -20.14 11.18
N PHE A 142 -29.56 -21.11 11.89
CA PHE A 142 -30.17 -20.85 13.19
C PHE A 142 -29.11 -20.81 14.28
N THR A 143 -29.50 -20.27 15.44
CA THR A 143 -28.61 -20.15 16.57
C THR A 143 -29.13 -20.86 17.82
N GLU A 144 -30.40 -21.29 17.83
CA GLU A 144 -30.98 -21.94 19.00
C GLU A 144 -31.64 -23.24 18.55
N THR A 145 -32.15 -23.98 19.54
CA THR A 145 -32.69 -25.31 19.30
C THR A 145 -34.10 -25.19 18.71
N ASN A 146 -34.21 -25.38 17.40
CA ASN A 146 -35.49 -25.44 16.71
C ASN A 146 -36.42 -24.30 17.14
N ASN A 147 -37.45 -24.61 17.94
CA ASN A 147 -38.46 -23.64 18.31
C ASN A 147 -39.10 -23.01 17.07
N GLY A 148 -39.38 -23.85 16.09
CA GLY A 148 -40.03 -23.41 14.86
C GLY A 148 -39.06 -23.14 13.73
N HIS A 149 -39.56 -22.50 12.67
CA HIS A 149 -38.76 -22.21 11.49
C HIS A 149 -38.99 -20.77 11.10
N ALA A 150 -38.53 -20.40 9.91
CA ALA A 150 -38.69 -19.05 9.39
C ALA A 150 -38.99 -19.13 7.91
N LEU A 151 -39.79 -18.18 7.42
CA LEU A 151 -40.08 -18.10 6.01
C LEU A 151 -38.82 -17.63 5.25
N ASN A 152 -38.83 -17.88 3.94
CA ASN A 152 -37.69 -17.50 3.11
C ASN A 152 -37.42 -16.01 3.24
N GLN A 153 -36.15 -15.64 3.36
CA GLN A 153 -35.75 -14.27 3.62
C GLN A 153 -35.27 -13.59 2.35
N VAL A 154 -35.39 -12.26 2.34
CA VAL A 154 -34.97 -11.42 1.23
C VAL A 154 -34.03 -10.34 1.76
N TYR A 155 -32.94 -10.12 1.05
CA TYR A 155 -31.90 -9.18 1.46
C TYR A 155 -31.85 -8.00 0.52
N GLN A 156 -31.51 -6.83 1.06
CA GLN A 156 -31.31 -5.63 0.27
C GLN A 156 -29.88 -5.15 0.43
N ILE A 157 -29.19 -4.95 -0.68
CA ILE A 157 -27.84 -4.41 -0.71
C ILE A 157 -27.89 -3.09 -1.45
N MET A 158 -27.65 -1.99 -0.73
CA MET A 158 -27.76 -0.65 -1.29
C MET A 158 -26.39 0.00 -1.36
N TYR A 159 -26.10 0.66 -2.48
CA TYR A 159 -24.87 1.40 -2.65
C TYR A 159 -25.10 2.86 -2.26
N VAL A 160 -24.26 3.35 -1.35
CA VAL A 160 -24.37 4.73 -0.86
C VAL A 160 -23.14 5.49 -1.28
N PRO A 161 -23.18 6.24 -2.39
CA PRO A 161 -22.01 6.99 -2.83
C PRO A 161 -21.64 8.08 -1.83
N PRO A 162 -20.40 8.57 -1.84
CA PRO A 162 -20.01 9.59 -0.87
C PRO A 162 -20.90 10.83 -0.93
N GLY A 163 -21.31 11.32 0.24
CA GLY A 163 -22.18 12.47 0.35
C GLY A 163 -23.64 12.13 0.58
N ALA A 164 -24.06 10.90 0.29
CA ALA A 164 -25.43 10.49 0.52
C ALA A 164 -25.63 10.11 1.99
N PRO A 165 -26.88 10.19 2.48
CA PRO A 165 -27.13 9.86 3.89
C PRO A 165 -27.02 8.37 4.14
N VAL A 166 -26.20 8.00 5.12
CA VAL A 166 -26.02 6.60 5.50
C VAL A 166 -27.19 6.19 6.39
N PRO A 167 -27.77 5.00 6.21
CA PRO A 167 -28.89 4.59 7.07
C PRO A 167 -28.49 4.53 8.53
N GLU A 168 -29.44 4.89 9.40
CA GLU A 168 -29.25 4.82 10.83
C GLU A 168 -30.15 3.80 11.50
N LYS A 169 -31.14 3.25 10.79
CA LYS A 169 -31.97 2.17 11.29
C LYS A 169 -32.39 1.30 10.12
N TRP A 170 -32.79 0.07 10.43
CA TRP A 170 -33.12 -0.89 9.38
C TRP A 170 -34.41 -0.55 8.64
N ASP A 171 -35.23 0.38 9.17
CA ASP A 171 -36.47 0.77 8.51
C ASP A 171 -36.54 2.28 8.28
N ASP A 172 -35.40 2.92 8.01
CA ASP A 172 -35.35 4.35 7.79
C ASP A 172 -35.98 4.74 6.45
N TYR A 173 -36.16 6.04 6.23
CA TYR A 173 -36.59 6.53 4.93
C TYR A 173 -35.51 6.38 3.87
N THR A 174 -34.24 6.27 4.27
CA THR A 174 -33.16 6.20 3.29
C THR A 174 -33.27 4.96 2.42
N TRP A 175 -33.85 3.88 2.94
CA TRP A 175 -33.99 2.64 2.19
C TRP A 175 -34.98 2.75 1.03
N GLN A 176 -35.60 3.91 0.80
CA GLN A 176 -36.45 4.07 -0.37
C GLN A 176 -35.64 4.03 -1.66
N THR A 177 -34.33 4.28 -1.59
CA THR A 177 -33.41 4.13 -2.72
C THR A 177 -33.97 4.73 -4.01
N SER A 178 -34.44 5.97 -3.95
CA SER A 178 -34.96 6.61 -5.16
C SER A 178 -33.86 6.78 -6.21
N SER A 179 -32.65 7.16 -5.79
CA SER A 179 -31.54 7.35 -6.71
C SER A 179 -30.34 6.44 -6.45
N ASN A 180 -30.28 5.78 -5.30
CA ASN A 180 -29.18 4.88 -5.00
C ASN A 180 -29.41 3.52 -5.67
N PRO A 181 -28.38 2.93 -6.28
CA PRO A 181 -28.52 1.56 -6.78
C PRO A 181 -28.75 0.58 -5.64
N SER A 182 -29.48 -0.49 -5.92
CA SER A 182 -29.82 -1.47 -4.90
C SER A 182 -30.11 -2.81 -5.54
N ILE A 183 -29.87 -3.88 -4.79
CA ILE A 183 -30.15 -5.24 -5.23
C ILE A 183 -31.01 -5.92 -4.18
N PHE A 184 -32.10 -6.54 -4.62
CA PHE A 184 -32.92 -7.39 -3.76
C PHE A 184 -32.67 -8.85 -4.13
N TYR A 185 -32.22 -9.64 -3.15
CA TYR A 185 -31.82 -11.02 -3.39
C TYR A 185 -32.67 -11.94 -2.53
N THR A 186 -33.11 -13.05 -3.13
CA THR A 186 -33.96 -14.02 -2.46
C THR A 186 -33.13 -15.25 -2.08
N TYR A 187 -33.22 -15.66 -0.82
CA TYR A 187 -32.42 -16.77 -0.34
C TYR A 187 -32.71 -18.03 -1.14
N GLY A 188 -31.66 -18.82 -1.40
CA GLY A 188 -31.79 -20.07 -2.12
C GLY A 188 -31.60 -19.96 -3.62
N THR A 189 -31.53 -18.75 -4.16
CA THR A 189 -31.34 -18.55 -5.59
C THR A 189 -29.86 -18.38 -5.91
N ALA A 190 -29.53 -18.38 -7.20
CA ALA A 190 -28.15 -18.25 -7.61
C ALA A 190 -27.56 -16.93 -7.10
N PRO A 191 -26.25 -16.86 -6.89
CA PRO A 191 -25.64 -15.63 -6.40
C PRO A 191 -25.94 -14.44 -7.30
N ALA A 192 -25.97 -13.26 -6.70
CA ALA A 192 -26.20 -12.03 -7.44
C ALA A 192 -24.91 -11.51 -8.06
N ARG A 193 -25.05 -10.69 -9.09
CA ARG A 193 -23.89 -10.15 -9.79
C ARG A 193 -24.25 -8.86 -10.50
N ILE A 194 -23.31 -7.91 -10.48
CA ILE A 194 -23.45 -6.65 -11.20
C ILE A 194 -22.06 -6.21 -11.68
N SER A 195 -22.06 -5.22 -12.56
CA SER A 195 -20.83 -4.63 -13.10
C SER A 195 -20.82 -3.13 -12.87
N VAL A 196 -19.63 -2.57 -12.77
CA VAL A 196 -19.47 -1.12 -12.64
C VAL A 196 -18.27 -0.68 -13.46
N PRO A 197 -18.28 0.53 -14.05
CA PRO A 197 -17.14 0.97 -14.87
C PRO A 197 -15.96 1.45 -14.05
N TYR A 198 -14.94 1.97 -14.74
CA TYR A 198 -13.89 2.75 -14.08
C TYR A 198 -14.50 4.04 -13.53
N VAL A 199 -14.39 4.25 -12.22
CA VAL A 199 -15.04 5.37 -11.57
C VAL A 199 -14.04 6.26 -10.84
N GLY A 200 -12.82 6.38 -11.37
CA GLY A 200 -11.84 7.24 -10.75
C GLY A 200 -11.94 8.67 -11.22
N ILE A 201 -11.68 9.60 -10.29
CA ILE A 201 -11.65 11.01 -10.64
C ILE A 201 -10.33 11.42 -11.28
N SER A 202 -9.31 10.57 -11.18
CA SER A 202 -8.06 10.78 -11.88
C SER A 202 -7.99 9.84 -13.08
N ASN A 203 -6.92 9.95 -13.87
CA ASN A 203 -6.78 9.14 -15.07
C ASN A 203 -6.47 7.68 -14.78
N ALA A 204 -6.17 7.34 -13.53
CA ALA A 204 -5.95 5.94 -13.16
C ALA A 204 -5.92 5.84 -11.63
N TYR A 205 -6.24 4.64 -11.14
CA TYR A 205 -6.10 4.38 -9.71
C TYR A 205 -4.64 4.39 -9.31
N SER A 206 -4.37 4.79 -8.08
CA SER A 206 -3.03 4.82 -7.52
C SER A 206 -2.99 3.94 -6.28
N HIS A 207 -2.18 2.89 -6.31
CA HIS A 207 -2.03 2.00 -5.17
C HIS A 207 -1.12 2.59 -4.10
N PHE A 208 -0.36 3.63 -4.43
CA PHE A 208 0.50 4.32 -3.47
C PHE A 208 0.40 5.81 -3.73
N TYR A 209 0.52 6.59 -2.65
CA TYR A 209 0.43 8.04 -2.76
C TYR A 209 1.37 8.64 -1.72
N ASP A 210 2.51 9.14 -2.18
CA ASP A 210 3.54 9.68 -1.28
C ASP A 210 3.30 11.17 -1.05
N GLY A 211 2.29 11.46 -0.23
CA GLY A 211 1.96 12.83 0.04
C GLY A 211 0.91 12.97 1.12
N PHE A 212 0.41 14.20 1.26
CA PHE A 212 -0.59 14.55 2.26
C PHE A 212 -1.76 15.22 1.57
N SER A 213 -2.89 15.28 2.27
CA SER A 213 -4.07 15.95 1.75
C SER A 213 -4.17 17.40 2.17
N LYS A 214 -3.33 17.84 3.12
CA LYS A 214 -3.36 19.22 3.61
C LYS A 214 -1.94 19.67 3.90
N VAL A 215 -1.72 20.97 3.85
CA VAL A 215 -0.44 21.58 4.16
C VAL A 215 -0.60 22.40 5.43
N PRO A 216 0.24 22.19 6.45
CA PRO A 216 0.18 23.05 7.64
C PRO A 216 0.89 24.37 7.40
N LEU A 217 0.16 25.47 7.54
CA LEU A 217 0.67 26.80 7.28
C LEU A 217 1.29 27.40 8.53
N LYS A 218 2.38 28.14 8.35
CA LYS A 218 3.10 28.71 9.48
C LYS A 218 2.27 29.72 10.24
N ASP A 219 1.37 30.42 9.56
CA ASP A 219 0.55 31.45 10.18
C ASP A 219 -0.74 30.89 10.79
N GLN A 220 -0.94 29.58 10.76
CA GLN A 220 -2.17 28.96 11.18
C GLN A 220 -1.91 28.03 12.36
N SER A 221 -2.95 27.82 13.17
CA SER A 221 -2.80 26.97 14.35
C SER A 221 -2.47 25.54 13.94
N ALA A 222 -1.77 24.84 14.85
CA ALA A 222 -1.23 23.54 14.51
C ALA A 222 -2.30 22.53 14.14
N ALA A 223 -3.40 22.49 14.89
CA ALA A 223 -4.39 21.43 14.70
C ALA A 223 -5.08 21.53 13.35
N LEU A 224 -5.02 22.69 12.69
CA LEU A 224 -5.78 22.90 11.47
C LEU A 224 -5.11 22.34 10.22
N GLY A 225 -3.85 21.95 10.30
CA GLY A 225 -3.14 21.50 9.11
C GLY A 225 -2.70 20.04 9.16
N ASP A 226 -3.10 19.33 10.20
CA ASP A 226 -2.62 17.97 10.39
C ASP A 226 -3.42 16.98 9.54
N SER A 227 -2.73 15.96 9.04
CA SER A 227 -3.35 15.00 8.12
C SER A 227 -2.56 13.70 8.17
N LEU A 228 -3.18 12.63 7.66
CA LEU A 228 -2.54 11.32 7.61
C LEU A 228 -1.63 11.21 6.40
N TYR A 229 -0.62 10.35 6.53
CA TYR A 229 0.37 10.16 5.47
C TYR A 229 -0.16 9.16 4.44
N GLY A 230 -0.27 9.60 3.19
CA GLY A 230 -0.75 8.74 2.12
C GLY A 230 -2.24 8.59 2.04
N ALA A 231 -3.01 9.48 2.68
CA ALA A 231 -4.46 9.34 2.71
C ALA A 231 -5.11 9.68 1.38
N ALA A 232 -4.59 10.68 0.67
CA ALA A 232 -5.17 11.14 -0.60
C ALA A 232 -6.64 11.50 -0.33
N SER A 233 -7.58 11.07 -1.18
CA SER A 233 -8.98 11.38 -0.95
C SER A 233 -9.46 10.74 0.35
N LEU A 234 -10.35 11.44 1.06
CA LEU A 234 -10.79 10.98 2.37
C LEU A 234 -11.38 9.58 2.30
N ASN A 235 -12.27 9.34 1.34
CA ASN A 235 -12.80 8.00 1.09
C ASN A 235 -13.16 7.92 -0.39
N ASP A 236 -12.56 6.95 -1.08
CA ASP A 236 -12.61 6.94 -2.53
C ASP A 236 -14.02 6.70 -3.06
N PHE A 237 -14.69 5.64 -2.59
CA PHE A 237 -15.79 5.06 -3.34
C PHE A 237 -17.10 4.91 -2.58
N GLY A 238 -17.10 4.86 -1.26
CA GLY A 238 -18.35 4.89 -0.52
C GLY A 238 -18.64 3.68 0.35
N ILE A 239 -19.91 3.29 0.39
CA ILE A 239 -20.42 2.37 1.41
C ILE A 239 -21.35 1.35 0.76
N LEU A 240 -21.46 0.17 1.36
CA LEU A 240 -22.51 -0.79 1.07
C LEU A 240 -23.32 -1.03 2.34
N ALA A 241 -24.65 -0.91 2.22
CA ALA A 241 -25.56 -1.14 3.33
C ALA A 241 -26.38 -2.38 3.05
N VAL A 242 -26.50 -3.25 4.06
CA VAL A 242 -27.14 -4.55 3.91
C VAL A 242 -28.11 -4.76 5.06
N ARG A 243 -29.31 -5.25 4.74
CA ARG A 243 -30.32 -5.55 5.74
C ARG A 243 -31.18 -6.71 5.26
N VAL A 244 -31.90 -7.32 6.20
CA VAL A 244 -32.95 -8.27 5.87
C VAL A 244 -34.27 -7.51 5.78
N VAL A 245 -35.04 -7.77 4.73
CA VAL A 245 -36.25 -6.99 4.49
C VAL A 245 -37.42 -7.52 5.30
N ASN A 246 -37.45 -8.82 5.59
CA ASN A 246 -38.53 -9.39 6.39
C ASN A 246 -38.53 -8.76 7.77
N ASP A 247 -39.73 -8.61 8.34
CA ASP A 247 -39.86 -7.88 9.60
C ASP A 247 -39.06 -8.51 10.72
N HIS A 248 -39.50 -9.67 11.19
CA HIS A 248 -38.87 -10.39 12.30
C HIS A 248 -39.42 -11.81 12.36
N ASN A 249 -38.72 -12.65 13.10
CA ASN A 249 -39.22 -13.96 13.48
C ASN A 249 -39.00 -14.18 14.97
N PRO A 250 -39.82 -15.01 15.61
CA PRO A 250 -39.56 -15.32 17.03
C PRO A 250 -38.19 -15.96 17.24
N THR A 251 -37.72 -16.73 16.27
CA THR A 251 -36.42 -17.39 16.38
C THR A 251 -35.35 -16.54 15.69
N LYS A 252 -34.18 -16.48 16.32
CA LYS A 252 -33.07 -15.71 15.77
C LYS A 252 -32.46 -16.44 14.58
N VAL A 253 -32.20 -15.70 13.51
CA VAL A 253 -31.54 -16.23 12.31
C VAL A 253 -30.38 -15.30 11.98
N THR A 254 -29.18 -15.88 11.80
CA THR A 254 -27.98 -15.14 11.47
C THR A 254 -27.55 -15.48 10.05
N SER A 255 -27.12 -14.46 9.31
CA SER A 255 -26.72 -14.63 7.92
C SER A 255 -25.45 -13.84 7.66
N LYS A 256 -24.72 -14.26 6.62
CA LYS A 256 -23.47 -13.61 6.21
C LYS A 256 -23.46 -13.43 4.71
N ILE A 257 -22.83 -12.36 4.26
CA ILE A 257 -22.68 -12.04 2.84
C ILE A 257 -21.19 -11.96 2.54
N ARG A 258 -20.76 -12.65 1.49
CA ARG A 258 -19.37 -12.66 1.06
C ARG A 258 -19.25 -11.98 -0.28
N VAL A 259 -18.32 -11.02 -0.38
CA VAL A 259 -18.14 -10.21 -1.57
C VAL A 259 -16.93 -10.71 -2.35
N TYR A 260 -17.07 -10.83 -3.66
CA TYR A 260 -16.01 -11.32 -4.53
C TYR A 260 -15.80 -10.31 -5.66
N LEU A 261 -14.54 -10.07 -6.01
CA LEU A 261 -14.17 -9.07 -6.99
C LEU A 261 -13.40 -9.70 -8.14
N LYS A 262 -13.70 -9.26 -9.36
CA LYS A 262 -12.96 -9.67 -10.56
C LYS A 262 -12.71 -8.46 -11.43
N PRO A 263 -11.49 -7.94 -11.48
CA PRO A 263 -11.20 -6.83 -12.40
C PRO A 263 -11.36 -7.24 -13.85
N LYS A 264 -11.88 -6.32 -14.67
CA LYS A 264 -12.07 -6.54 -16.09
C LYS A 264 -11.29 -5.49 -16.88
N HIS A 265 -10.86 -5.88 -18.08
CA HIS A 265 -10.28 -4.92 -19.04
C HIS A 265 -9.17 -4.12 -18.38
N ILE A 266 -8.24 -4.80 -17.72
CA ILE A 266 -7.32 -4.15 -16.79
C ILE A 266 -6.06 -3.71 -17.51
N ARG A 267 -5.51 -2.57 -17.09
CA ARG A 267 -4.22 -2.06 -17.53
C ARG A 267 -3.42 -1.67 -16.30
N VAL A 268 -2.09 -1.64 -16.44
CA VAL A 268 -1.21 -1.39 -15.31
C VAL A 268 0.04 -0.65 -15.79
N TRP A 269 0.72 0.01 -14.85
CA TRP A 269 1.96 0.71 -15.14
C TRP A 269 2.92 0.59 -13.95
N CYS A 270 4.21 0.80 -14.23
CA CYS A 270 5.25 0.95 -13.21
C CYS A 270 5.29 -0.20 -12.22
N PRO A 271 5.85 -1.35 -12.60
CA PRO A 271 5.87 -2.50 -11.69
C PRO A 271 6.68 -2.22 -10.43
N ARG A 272 6.36 -2.98 -9.38
CA ARG A 272 6.97 -2.81 -8.07
C ARG A 272 7.34 -4.18 -7.49
N PRO A 273 8.29 -4.22 -6.56
CA PRO A 273 8.60 -5.48 -5.87
C PRO A 273 7.42 -5.95 -5.04
N PRO A 274 7.21 -7.25 -4.90
CA PRO A 274 6.08 -7.74 -4.10
C PRO A 274 6.35 -7.64 -2.61
N ARG A 275 5.26 -7.64 -1.84
CA ARG A 275 5.35 -7.58 -0.39
C ARG A 275 6.06 -8.83 0.13
N ALA A 276 6.99 -8.63 1.06
CA ALA A 276 7.78 -9.72 1.62
C ALA A 276 7.44 -10.04 3.07
N VAL A 277 6.74 -9.15 3.76
CA VAL A 277 6.41 -9.34 5.17
C VAL A 277 4.91 -9.09 5.35
N ALA A 278 4.41 -9.48 6.52
CA ALA A 278 2.98 -9.36 6.80
C ALA A 278 2.55 -7.91 6.71
N TYR A 279 1.33 -7.71 6.23
CA TYR A 279 0.76 -6.37 6.16
C TYR A 279 0.40 -5.88 7.56
N TYR A 280 0.37 -4.55 7.70
CA TYR A 280 0.06 -3.91 8.98
C TYR A 280 -0.65 -2.59 8.65
N GLY A 281 -1.98 -2.64 8.65
CA GLY A 281 -2.78 -1.47 8.35
C GLY A 281 -2.86 -1.19 6.87
N PRO A 282 -3.56 -0.11 6.50
CA PRO A 282 -3.71 0.23 5.08
C PRO A 282 -2.43 0.71 4.40
N GLY A 283 -1.40 1.08 5.15
CA GLY A 283 -0.20 1.64 4.61
C GLY A 283 0.88 0.60 4.37
N VAL A 284 2.10 1.09 4.13
CA VAL A 284 3.25 0.22 3.93
C VAL A 284 3.96 -0.11 5.23
N ASP A 285 3.42 0.30 6.37
CA ASP A 285 4.05 0.07 7.66
C ASP A 285 4.23 -1.42 7.92
N TYR A 286 5.11 -1.76 8.86
CA TYR A 286 5.37 -3.14 9.25
C TYR A 286 5.59 -3.22 10.75
N LYS A 287 5.31 -4.40 11.30
CA LYS A 287 5.28 -4.60 12.74
C LYS A 287 6.54 -5.28 13.22
N ASP A 288 6.86 -5.06 14.50
CA ASP A 288 8.05 -5.66 15.10
C ASP A 288 7.84 -7.15 15.30
N GLY A 289 8.92 -7.92 15.16
CA GLY A 289 8.86 -9.35 15.35
C GLY A 289 8.43 -10.15 14.14
N THR A 290 8.25 -9.51 12.99
CA THR A 290 7.86 -10.20 11.77
C THR A 290 8.73 -9.79 10.58
N LEU A 291 10.01 -9.52 10.81
CA LEU A 291 10.90 -8.96 9.80
C LEU A 291 11.97 -9.93 9.35
N THR A 292 11.74 -11.24 9.44
CA THR A 292 12.73 -12.26 9.10
C THR A 292 12.08 -13.30 8.18
N PRO A 293 11.89 -12.98 6.91
CA PRO A 293 11.23 -13.94 6.01
C PRO A 293 12.11 -15.10 5.61
N LEU A 294 13.41 -14.87 5.38
CA LEU A 294 14.29 -15.90 4.87
C LEU A 294 14.61 -16.91 5.97
N SER A 295 14.93 -18.14 5.54
CA SER A 295 15.28 -19.24 6.43
C SER A 295 16.74 -19.62 6.24
N THR A 296 17.17 -20.61 7.02
CA THR A 296 18.58 -20.97 7.06
C THR A 296 18.98 -21.85 5.89
N LYS A 297 20.19 -21.61 5.38
CA LYS A 297 20.79 -22.42 4.33
C LYS A 297 22.30 -22.26 4.48
N ASP A 298 23.08 -22.97 3.66
CA ASP A 298 24.53 -22.88 3.72
C ASP A 298 25.05 -22.51 2.34
N LEU A 299 26.18 -21.79 2.34
CA LEU A 299 26.72 -21.25 1.10
C LEU A 299 27.15 -22.36 0.15
N THR A 300 27.77 -23.43 0.66
CA THR A 300 28.29 -24.50 -0.17
C THR A 300 27.48 -25.79 -0.02
N THR A 301 26.17 -25.69 0.17
CA THR A 301 25.30 -26.84 0.32
C THR A 301 24.27 -26.84 -0.79
N TYR A 302 24.14 -27.98 -1.47
CA TYR A 302 23.12 -28.14 -2.51
C TYR A 302 21.76 -28.38 -1.89
N SER B 10 36.83 7.37 -26.54
CA SER B 10 36.14 6.32 -25.76
C SER B 10 34.69 6.72 -25.47
N ASP B 11 33.88 5.75 -25.08
CA ASP B 11 32.47 5.99 -24.77
C ASP B 11 32.26 6.42 -23.31
N ARG B 12 33.33 6.55 -22.54
CA ARG B 12 33.21 6.92 -21.13
C ARG B 12 33.14 8.44 -20.91
N VAL B 13 33.30 9.24 -21.96
CA VAL B 13 33.30 10.69 -21.84
C VAL B 13 31.91 11.21 -22.19
N LEU B 14 31.51 12.30 -21.52
CA LEU B 14 30.20 12.88 -21.73
C LEU B 14 30.22 14.35 -21.34
N GLN B 15 29.28 15.11 -21.90
CA GLN B 15 29.09 16.51 -21.53
C GLN B 15 27.61 16.84 -21.60
N LEU B 16 27.12 17.55 -20.59
CA LEU B 16 25.71 17.94 -20.50
C LEU B 16 25.62 19.41 -20.17
N THR B 17 24.69 20.10 -20.82
CA THR B 17 24.51 21.54 -20.61
C THR B 17 23.02 21.85 -20.49
N LEU B 18 22.67 22.65 -19.48
CA LEU B 18 21.30 23.10 -19.27
C LEU B 18 21.33 24.51 -18.73
N GLY B 19 20.68 25.43 -19.43
CA GLY B 19 20.72 26.82 -19.00
C GLY B 19 22.15 27.34 -19.03
N ASN B 20 22.59 27.92 -17.92
CA ASN B 20 23.96 28.37 -17.77
C ASN B 20 24.84 27.36 -17.05
N SER B 21 24.32 26.17 -16.77
CA SER B 21 25.12 25.13 -16.12
C SER B 21 25.62 24.13 -17.15
N THR B 22 26.70 23.43 -16.80
CA THR B 22 27.28 22.41 -17.66
C THR B 22 28.08 21.44 -16.82
N ILE B 23 28.15 20.19 -17.28
CA ILE B 23 28.85 19.12 -16.60
C ILE B 23 29.69 18.35 -17.61
N THR B 24 30.87 17.93 -17.20
CA THR B 24 31.74 17.09 -18.02
C THR B 24 32.24 15.93 -17.17
N THR B 25 32.28 14.74 -17.78
CA THR B 25 32.76 13.55 -17.10
C THR B 25 33.62 12.74 -18.05
N GLN B 26 34.63 12.06 -17.49
CA GLN B 26 35.57 11.27 -18.26
C GLN B 26 35.45 9.77 -18.02
N GLU B 27 34.74 9.36 -16.97
CA GLU B 27 34.68 7.96 -16.55
C GLU B 27 33.23 7.57 -16.30
N ALA B 28 32.35 7.91 -17.24
CA ALA B 28 30.93 7.61 -17.10
C ALA B 28 30.59 6.26 -17.72
N ALA B 29 29.63 5.56 -17.11
CA ALA B 29 29.19 4.28 -17.66
C ALA B 29 28.21 4.52 -18.81
N ASN B 30 27.09 5.17 -18.51
CA ASN B 30 26.09 5.53 -19.51
C ASN B 30 24.97 6.28 -18.80
N SER B 31 24.09 6.87 -19.59
CA SER B 31 22.91 7.52 -19.06
C SER B 31 21.69 6.62 -19.26
N VAL B 32 20.85 6.54 -18.22
CA VAL B 32 19.65 5.74 -18.24
C VAL B 32 18.44 6.66 -18.24
N VAL B 33 17.50 6.41 -19.15
CA VAL B 33 16.24 7.12 -19.22
C VAL B 33 15.16 6.21 -18.65
N ALA B 34 14.51 6.66 -17.58
CA ALA B 34 13.52 5.83 -16.92
C ALA B 34 12.41 5.46 -17.89
N TYR B 35 12.19 4.15 -18.05
CA TYR B 35 11.15 3.63 -18.93
C TYR B 35 11.30 4.11 -20.37
N GLY B 36 12.50 4.57 -20.73
CA GLY B 36 12.77 4.98 -22.09
C GLY B 36 11.98 6.18 -22.58
N ARG B 37 11.45 7.00 -21.68
CA ARG B 37 10.63 8.15 -22.05
C ARG B 37 11.37 9.42 -21.68
N TRP B 38 11.38 10.39 -22.60
CA TRP B 38 12.03 11.67 -22.36
C TRP B 38 11.01 12.69 -21.85
N PRO B 39 11.43 13.62 -20.99
CA PRO B 39 10.49 14.64 -20.51
C PRO B 39 9.90 15.46 -21.64
N GLU B 40 8.65 15.88 -21.46
CA GLU B 40 7.93 16.64 -22.46
C GLU B 40 6.91 17.55 -21.79
N TYR B 41 6.45 18.55 -22.52
CA TYR B 41 5.40 19.44 -22.05
C TYR B 41 4.03 18.81 -22.28
N LEU B 42 3.01 19.43 -21.68
CA LEU B 42 1.65 18.93 -21.80
C LEU B 42 1.12 19.15 -23.21
N ARG B 43 0.44 18.14 -23.73
CA ARG B 43 -0.20 18.24 -25.04
C ARG B 43 -1.59 18.86 -24.90
N ASP B 44 -2.04 19.49 -25.99
CA ASP B 44 -3.37 20.10 -25.97
C ASP B 44 -4.47 19.06 -25.79
N SER B 45 -4.19 17.80 -26.14
CA SER B 45 -5.16 16.72 -26.03
C SER B 45 -5.18 16.09 -24.65
N GLU B 46 -4.34 16.55 -23.72
CA GLU B 46 -4.26 15.98 -22.38
C GLU B 46 -4.18 17.01 -21.27
N ALA B 47 -4.51 18.27 -21.54
CA ALA B 47 -4.42 19.30 -20.51
C ALA B 47 -5.79 19.54 -19.88
N ASN B 48 -5.84 19.37 -18.55
CA ASN B 48 -7.09 19.55 -17.81
C ASN B 48 -7.35 21.03 -17.51
N PRO B 49 -6.41 21.76 -16.91
CA PRO B 49 -6.66 23.18 -16.63
C PRO B 49 -6.69 24.00 -17.92
N VAL B 50 -7.46 25.09 -17.89
CA VAL B 50 -7.67 25.90 -19.09
C VAL B 50 -6.86 27.20 -19.08
N ASP B 51 -6.27 27.56 -17.94
CA ASP B 51 -5.51 28.80 -17.85
C ASP B 51 -4.16 28.68 -18.56
N GLN B 52 -3.62 29.81 -18.95
CA GLN B 52 -2.33 29.83 -19.65
C GLN B 52 -1.22 29.42 -18.69
N PRO B 53 -0.44 28.38 -19.00
CA PRO B 53 0.63 27.97 -18.09
C PRO B 53 1.81 28.93 -18.15
N THR B 54 2.71 28.76 -17.19
CA THR B 54 3.94 29.52 -17.11
C THR B 54 5.11 28.57 -17.29
N GLU B 55 6.03 28.93 -18.19
CA GLU B 55 7.24 28.15 -18.43
C GLU B 55 8.46 29.02 -18.16
N PRO B 56 9.06 28.95 -16.96
CA PRO B 56 10.26 29.77 -16.70
C PRO B 56 11.47 29.38 -17.53
N ASP B 57 11.48 28.19 -18.13
CA ASP B 57 12.53 27.76 -19.06
C ASP B 57 13.87 27.86 -18.36
N VAL B 58 14.89 28.48 -18.97
CA VAL B 58 16.25 28.43 -18.44
C VAL B 58 16.35 29.02 -17.05
N ALA B 59 15.41 29.89 -16.66
CA ALA B 59 15.48 30.51 -15.35
C ALA B 59 15.36 29.50 -14.21
N ALA B 60 14.83 28.31 -14.49
CA ALA B 60 14.65 27.30 -13.44
C ALA B 60 15.20 25.94 -13.88
N CYS B 61 15.28 25.71 -15.20
CA CYS B 61 15.79 24.44 -15.72
C CYS B 61 17.31 24.50 -15.77
N ARG B 62 17.91 24.23 -14.61
CA ARG B 62 19.36 24.28 -14.47
C ARG B 62 19.77 23.41 -13.30
N PHE B 63 21.05 23.02 -13.29
CA PHE B 63 21.56 22.10 -12.28
C PHE B 63 21.73 22.82 -10.94
N TYR B 64 21.30 22.15 -9.88
CA TYR B 64 21.53 22.60 -8.50
C TYR B 64 22.30 21.53 -7.76
N THR B 65 23.24 21.95 -6.92
CA THR B 65 24.08 21.03 -6.16
C THR B 65 23.63 21.01 -4.70
N LEU B 66 23.38 19.81 -4.19
CA LEU B 66 22.99 19.63 -2.80
C LEU B 66 24.22 19.47 -1.92
N ASP B 67 24.00 19.51 -0.61
CA ASP B 67 25.08 19.28 0.33
C ASP B 67 25.64 17.88 0.19
N THR B 68 26.95 17.74 0.36
CA THR B 68 27.60 16.45 0.19
C THR B 68 27.53 15.64 1.47
N VAL B 69 27.69 14.33 1.33
CA VAL B 69 27.67 13.40 2.44
C VAL B 69 28.93 12.54 2.39
N SER B 70 29.30 11.97 3.54
CA SER B 70 30.52 11.19 3.67
C SER B 70 30.18 9.71 3.74
N TRP B 71 30.87 8.92 2.92
CA TRP B 71 30.67 7.48 2.85
C TRP B 71 31.77 6.78 3.64
N THR B 72 31.36 5.97 4.62
CA THR B 72 32.30 5.24 5.47
C THR B 72 31.86 3.80 5.56
N LYS B 73 32.51 3.06 6.46
CA LYS B 73 32.18 1.65 6.65
C LYS B 73 30.83 1.47 7.32
N GLU B 74 30.41 2.43 8.15
CA GLU B 74 29.19 2.29 8.93
C GLU B 74 27.95 2.81 8.24
N SER B 75 28.08 3.43 7.06
CA SER B 75 26.93 4.02 6.40
C SER B 75 25.95 2.94 5.96
N ARG B 76 24.65 3.20 6.14
CA ARG B 76 23.60 2.29 5.74
C ARG B 76 22.89 2.72 4.46
N GLY B 77 22.89 4.01 4.15
CA GLY B 77 22.23 4.53 2.96
C GLY B 77 21.69 5.93 3.17
N TRP B 78 21.18 6.48 2.08
CA TRP B 78 20.62 7.82 2.05
C TRP B 78 19.41 7.83 1.14
N TRP B 79 18.49 8.77 1.39
CA TRP B 79 17.32 8.94 0.53
C TRP B 79 16.91 10.40 0.50
N TRP B 80 16.32 10.79 -0.65
CA TRP B 80 15.78 12.12 -0.85
C TRP B 80 14.45 12.01 -1.56
N LYS B 81 13.67 13.10 -1.51
CA LYS B 81 12.38 13.21 -2.17
C LYS B 81 12.40 14.37 -3.16
N LEU B 82 11.67 14.22 -4.25
CA LEU B 82 11.53 15.26 -5.25
C LEU B 82 10.05 15.58 -5.45
N PRO B 83 9.68 16.84 -5.67
CA PRO B 83 10.52 18.05 -5.80
C PRO B 83 10.91 18.66 -4.47
N ASP B 84 10.71 17.94 -3.35
CA ASP B 84 10.96 18.53 -2.04
C ASP B 84 12.41 18.97 -1.89
N ALA B 85 13.35 18.18 -2.40
CA ALA B 85 14.76 18.50 -2.21
C ALA B 85 15.15 19.83 -2.86
N LEU B 86 14.39 20.30 -3.85
CA LEU B 86 14.68 21.53 -4.54
C LEU B 86 13.76 22.67 -4.14
N ARG B 87 13.13 22.59 -2.96
CA ARG B 87 12.13 23.58 -2.59
C ARG B 87 12.76 24.94 -2.27
N ASP B 88 14.06 24.97 -1.96
CA ASP B 88 14.75 26.20 -1.62
C ASP B 88 15.81 26.59 -2.64
N MET B 89 15.65 26.18 -3.90
CA MET B 89 16.65 26.40 -4.92
C MET B 89 16.20 27.52 -5.86
N GLY B 90 16.72 28.72 -5.63
CA GLY B 90 16.55 29.81 -6.58
C GLY B 90 15.10 30.09 -6.91
N LEU B 91 14.84 30.35 -8.19
CA LEU B 91 13.50 30.68 -8.65
C LEU B 91 12.59 29.46 -8.77
N PHE B 92 13.15 28.25 -8.79
CA PHE B 92 12.31 27.06 -8.82
C PHE B 92 11.41 26.99 -7.59
N GLY B 93 11.99 27.24 -6.41
CA GLY B 93 11.17 27.25 -5.20
C GLY B 93 10.15 28.36 -5.19
N GLN B 94 10.53 29.54 -5.70
CA GLN B 94 9.60 30.65 -5.75
C GLN B 94 8.39 30.31 -6.64
N ASN B 95 8.65 29.73 -7.80
CA ASN B 95 7.56 29.32 -8.68
C ASN B 95 6.73 28.21 -8.05
N MET B 96 7.38 27.29 -7.33
CA MET B 96 6.65 26.22 -6.68
C MET B 96 5.69 26.76 -5.63
N TYR B 97 6.14 27.74 -4.84
CA TYR B 97 5.30 28.26 -3.77
C TYR B 97 4.29 29.30 -4.23
N TYR B 98 4.52 29.98 -5.36
CA TYR B 98 3.57 30.96 -5.84
C TYR B 98 2.43 30.36 -6.65
N HIS B 99 2.53 29.09 -7.03
CA HIS B 99 1.55 28.45 -7.90
C HIS B 99 0.87 27.29 -7.20
N TYR B 100 -0.35 26.99 -7.66
CA TYR B 100 -1.13 25.90 -7.08
C TYR B 100 -0.75 24.56 -7.71
N LEU B 101 -0.43 24.54 -9.00
CA LEU B 101 -0.16 23.31 -9.73
C LEU B 101 1.20 23.40 -10.42
N GLY B 102 1.85 22.25 -10.57
CA GLY B 102 3.13 22.20 -11.25
C GLY B 102 3.51 20.79 -11.64
N ARG B 103 4.45 20.70 -12.58
CA ARG B 103 5.00 19.42 -13.03
C ARG B 103 6.36 19.67 -13.64
N SER B 104 7.20 18.62 -13.66
CA SER B 104 8.52 18.72 -14.27
C SER B 104 9.18 17.36 -14.28
N GLY B 105 10.16 17.21 -15.17
CA GLY B 105 11.08 16.09 -15.15
C GLY B 105 12.34 16.44 -14.39
N TYR B 106 13.30 15.53 -14.43
CA TYR B 106 14.54 15.71 -13.68
C TYR B 106 15.70 15.03 -14.39
N THR B 107 16.90 15.53 -14.12
CA THR B 107 18.15 14.88 -14.49
C THR B 107 19.02 14.80 -13.25
N VAL B 108 19.25 13.58 -12.77
CA VAL B 108 19.95 13.34 -11.51
C VAL B 108 21.36 12.85 -11.83
N HIS B 109 22.36 13.45 -11.19
CA HIS B 109 23.76 13.12 -11.43
C HIS B 109 24.45 12.92 -10.09
N VAL B 110 24.90 11.69 -9.83
CA VAL B 110 25.61 11.36 -8.60
C VAL B 110 27.09 11.26 -8.92
N GLN B 111 27.92 11.87 -8.06
CA GLN B 111 29.35 11.94 -8.27
C GLN B 111 30.08 11.36 -7.08
N CYS B 112 31.00 10.44 -7.34
CA CYS B 112 31.74 9.75 -6.28
C CYS B 112 32.98 9.14 -6.91
N ASN B 113 34.16 9.60 -6.49
CA ASN B 113 35.42 9.13 -7.06
C ASN B 113 36.34 8.61 -5.98
N ALA B 114 37.23 7.71 -6.37
CA ALA B 114 38.24 7.15 -5.48
C ALA B 114 39.44 6.72 -6.30
N SER B 115 40.49 6.29 -5.61
CA SER B 115 41.69 5.84 -6.28
C SER B 115 41.54 4.40 -6.76
N LYS B 116 42.57 3.90 -7.45
CA LYS B 116 42.56 2.54 -7.96
C LYS B 116 42.77 1.51 -6.87
N PHE B 117 43.10 1.93 -5.65
CA PHE B 117 43.28 1.02 -4.53
C PHE B 117 42.10 1.02 -3.57
N HIS B 118 40.98 1.64 -3.94
CA HIS B 118 39.73 1.55 -3.20
C HIS B 118 38.82 0.49 -3.83
N GLN B 119 37.82 0.07 -3.06
CA GLN B 119 36.84 -0.87 -3.56
C GLN B 119 35.51 -0.63 -2.85
N GLY B 120 34.44 -1.08 -3.48
CA GLY B 120 33.10 -0.88 -2.98
C GLY B 120 32.11 -0.66 -4.10
N ALA B 121 30.83 -0.52 -3.77
CA ALA B 121 29.81 -0.31 -4.78
C ALA B 121 28.59 0.35 -4.15
N LEU B 122 27.92 1.20 -4.92
CA LEU B 122 26.70 1.88 -4.50
C LEU B 122 25.60 1.58 -5.50
N GLY B 123 24.38 1.38 -4.99
CA GLY B 123 23.23 1.20 -5.84
C GLY B 123 22.31 2.40 -5.79
N VAL B 124 22.13 3.06 -6.94
CA VAL B 124 21.33 4.28 -7.04
C VAL B 124 19.99 3.90 -7.67
N PHE B 125 18.89 4.20 -6.98
CA PHE B 125 17.56 3.82 -7.40
C PHE B 125 16.67 5.06 -7.46
N ALA B 126 15.81 5.10 -8.48
CA ALA B 126 14.77 6.12 -8.61
C ALA B 126 13.42 5.42 -8.57
N VAL B 127 12.59 5.78 -7.60
CA VAL B 127 11.35 5.07 -7.31
C VAL B 127 10.20 6.07 -7.45
N PRO B 128 9.16 5.77 -8.24
CA PRO B 128 7.96 6.61 -8.23
C PRO B 128 7.05 6.23 -7.08
N GLU B 129 6.54 7.25 -6.38
CA GLU B 129 5.68 7.06 -5.22
C GLU B 129 6.38 6.24 -4.15
N MET B 130 7.48 6.80 -3.63
CA MET B 130 8.31 6.10 -2.66
C MET B 130 7.78 6.24 -1.24
N CYS B 131 6.76 5.45 -0.90
CA CYS B 131 6.25 5.45 0.47
C CYS B 131 7.24 4.73 1.40
N LEU B 132 7.30 5.21 2.64
CA LEU B 132 8.18 4.65 3.65
C LEU B 132 7.38 4.27 4.89
N ALA B 133 7.96 3.40 5.71
CA ALA B 133 7.27 2.89 6.89
C ALA B 133 7.59 3.74 8.11
N GLY B 134 6.57 3.96 8.94
CA GLY B 134 6.73 4.75 10.13
C GLY B 134 7.37 3.98 11.28
N ASP B 135 7.51 4.66 12.41
CA ASP B 135 8.17 4.09 13.58
C ASP B 135 7.20 3.65 14.66
N SER B 136 5.95 4.09 14.62
CA SER B 136 4.97 3.72 15.62
C SER B 136 4.47 2.30 15.38
N ASN B 137 4.29 1.55 16.47
CA ASN B 137 3.77 0.20 16.40
C ASN B 137 2.34 0.11 16.95
N THR B 138 1.76 1.25 17.33
CA THR B 138 0.38 1.31 17.78
C THR B 138 -0.51 2.14 16.87
N THR B 139 0.04 2.81 15.86
CA THR B 139 -0.75 3.55 14.89
C THR B 139 -0.08 3.38 13.52
N THR B 140 -0.82 3.71 12.48
CA THR B 140 -0.34 3.56 11.12
C THR B 140 -0.58 4.85 10.35
N MET B 141 0.28 5.09 9.36
CA MET B 141 0.17 6.27 8.49
C MET B 141 0.12 7.56 9.32
N HIS B 142 0.98 7.65 10.34
CA HIS B 142 0.85 8.69 11.35
C HIS B 142 2.08 9.59 11.44
N THR B 143 2.99 9.51 10.47
CA THR B 143 4.15 10.41 10.46
C THR B 143 3.74 11.80 10.01
N SER B 144 4.46 12.80 10.49
CA SER B 144 4.07 14.18 10.30
C SER B 144 4.69 14.76 9.03
N TYR B 145 4.12 15.88 8.58
CA TYR B 145 4.62 16.55 7.37
C TYR B 145 6.06 17.02 7.55
N GLN B 146 6.38 17.56 8.73
CA GLN B 146 7.71 18.11 8.95
C GLN B 146 8.78 17.04 8.84
N ASN B 147 8.52 15.85 9.41
CA ASN B 147 9.50 14.78 9.37
C ASN B 147 9.52 14.08 8.02
N ALA B 148 8.40 14.07 7.30
CA ALA B 148 8.34 13.39 6.01
C ALA B 148 9.02 14.17 4.90
N ASN B 149 9.30 15.47 5.12
CA ASN B 149 9.91 16.33 4.11
C ASN B 149 11.13 17.00 4.74
N PRO B 150 12.27 16.31 4.79
CA PRO B 150 13.46 16.91 5.42
C PRO B 150 14.16 17.95 4.58
N GLY B 151 13.82 18.07 3.29
CA GLY B 151 14.47 19.06 2.45
C GLY B 151 15.67 18.49 1.69
N GLU B 152 16.68 19.33 1.53
CA GLU B 152 17.87 18.92 0.79
C GLU B 152 18.82 18.05 1.61
N LYS B 153 18.58 17.93 2.91
CA LYS B 153 19.42 17.06 3.74
C LYS B 153 19.00 15.60 3.65
N GLY B 154 17.73 15.33 3.35
CA GLY B 154 17.28 13.96 3.18
C GLY B 154 17.29 13.20 4.49
N GLY B 155 17.39 11.87 4.38
CA GLY B 155 17.40 10.99 5.53
C GLY B 155 18.36 9.83 5.33
N THR B 156 18.37 8.94 6.31
CA THR B 156 19.28 7.81 6.32
C THR B 156 18.52 6.52 6.64
N PHE B 157 19.02 5.41 6.11
CA PHE B 157 18.50 4.10 6.45
C PHE B 157 19.13 3.60 7.75
N THR B 158 18.48 2.61 8.36
CA THR B 158 18.95 2.00 9.59
C THR B 158 19.02 0.50 9.41
N GLY B 159 19.85 -0.14 10.23
CA GLY B 159 20.02 -1.58 10.17
C GLY B 159 19.08 -2.38 11.05
N THR B 160 18.27 -1.71 11.86
CA THR B 160 17.39 -2.41 12.79
C THR B 160 16.14 -1.56 13.00
N PHE B 161 15.07 -2.22 13.46
CA PHE B 161 13.78 -1.57 13.69
C PHE B 161 13.58 -1.38 15.18
N THR B 162 13.36 -0.13 15.60
CA THR B 162 13.09 0.21 16.99
C THR B 162 11.76 0.94 17.06
N PRO B 163 10.69 0.31 17.53
CA PRO B 163 9.40 1.01 17.57
C PRO B 163 9.36 2.07 18.66
N ASP B 164 8.70 3.19 18.34
CA ASP B 164 8.50 4.24 19.32
C ASP B 164 7.53 3.78 20.39
N ASP B 165 7.75 4.26 21.62
CA ASP B 165 6.94 3.86 22.76
C ASP B 165 6.35 5.01 23.56
N ASN B 166 6.60 6.26 23.17
CA ASN B 166 5.98 7.41 23.83
C ASN B 166 4.59 7.61 23.22
N GLN B 167 3.63 6.84 23.75
CA GLN B 167 2.31 6.79 23.15
C GLN B 167 1.55 8.09 23.33
N THR B 168 1.83 8.83 24.40
CA THR B 168 1.16 10.11 24.62
C THR B 168 1.84 11.25 23.90
N SER B 169 3.04 11.04 23.36
CA SER B 169 3.75 12.09 22.64
C SER B 169 4.65 11.45 21.59
N PRO B 170 4.09 10.82 20.57
CA PRO B 170 4.91 10.12 19.58
C PRO B 170 5.79 11.06 18.78
N ALA B 171 6.94 10.54 18.35
CA ALA B 171 7.86 11.32 17.54
C ALA B 171 7.34 11.54 16.12
N ARG B 172 6.59 10.59 15.57
CA ARG B 172 5.97 10.72 14.25
C ARG B 172 7.03 10.91 13.17
N ARG B 173 7.90 9.92 13.02
CA ARG B 173 8.93 9.92 12.00
C ARG B 173 9.16 8.51 11.48
N PHE B 174 9.81 8.42 10.32
CA PHE B 174 10.01 7.14 9.66
C PHE B 174 10.99 6.26 10.43
N CYS B 175 11.11 5.02 9.96
CA CYS B 175 12.10 4.07 10.47
C CYS B 175 12.40 3.06 9.36
N PRO B 176 13.08 3.49 8.30
CA PRO B 176 13.30 2.60 7.15
C PRO B 176 14.47 1.65 7.32
N VAL B 177 14.17 0.35 7.34
CA VAL B 177 15.23 -0.65 7.46
C VAL B 177 15.87 -0.88 6.10
N ASP B 178 17.18 -1.06 6.07
CA ASP B 178 17.91 -1.08 4.81
C ASP B 178 17.57 -2.31 3.97
N TYR B 179 17.60 -3.50 4.58
CA TYR B 179 17.40 -4.71 3.79
C TYR B 179 15.94 -4.91 3.39
N LEU B 180 15.00 -4.27 4.09
CA LEU B 180 13.62 -4.21 3.65
C LEU B 180 13.34 -3.02 2.74
N PHE B 181 14.37 -2.24 2.42
CA PHE B 181 14.25 -1.11 1.49
C PHE B 181 13.29 -0.06 2.02
N GLY B 182 13.00 -0.12 3.33
CA GLY B 182 12.16 0.87 3.97
C GLY B 182 10.68 0.72 3.74
N ASN B 183 10.24 -0.29 2.97
CA ASN B 183 8.81 -0.44 2.69
C ASN B 183 8.35 -1.89 2.69
N GLY B 184 9.01 -2.79 3.39
CA GLY B 184 8.54 -4.16 3.51
C GLY B 184 8.87 -5.07 2.35
N THR B 185 9.70 -4.62 1.40
CA THR B 185 10.10 -5.42 0.25
C THR B 185 11.60 -5.62 0.29
N LEU B 186 12.05 -6.79 -0.16
CA LEU B 186 13.46 -7.12 -0.10
C LEU B 186 14.27 -6.19 -0.99
N LEU B 187 15.48 -5.85 -0.53
CA LEU B 187 16.33 -4.92 -1.28
C LEU B 187 16.76 -5.52 -2.60
N GLY B 188 17.03 -6.83 -2.63
CA GLY B 188 17.54 -7.45 -3.84
C GLY B 188 16.61 -7.34 -5.02
N ASN B 189 15.32 -7.09 -4.79
CA ASN B 189 14.35 -6.94 -5.86
C ASN B 189 14.17 -5.51 -6.32
N ALA B 190 14.87 -4.55 -5.70
CA ALA B 190 14.70 -3.15 -6.05
C ALA B 190 15.20 -2.82 -7.45
N PHE B 191 15.91 -3.74 -8.10
CA PHE B 191 16.45 -3.47 -9.43
C PHE B 191 15.35 -3.47 -10.49
N VAL B 192 14.09 -3.64 -10.09
CA VAL B 192 12.98 -3.46 -11.02
C VAL B 192 12.73 -1.98 -11.29
N PHE B 193 13.16 -1.10 -10.40
CA PHE B 193 13.08 0.32 -10.62
C PHE B 193 14.24 0.79 -11.49
N PRO B 194 14.12 1.96 -12.14
CA PRO B 194 15.28 2.53 -12.84
C PRO B 194 16.45 2.71 -11.89
N HIS B 195 17.65 2.31 -12.31
CA HIS B 195 18.78 2.26 -11.41
C HIS B 195 20.09 2.30 -12.19
N GLN B 196 21.17 2.52 -11.45
CA GLN B 196 22.53 2.42 -11.99
C GLN B 196 23.48 2.18 -10.83
N ILE B 197 24.49 1.35 -11.06
CA ILE B 197 25.43 0.93 -10.03
C ILE B 197 26.74 1.66 -10.25
N ILE B 198 27.25 2.29 -9.18
CA ILE B 198 28.57 2.90 -9.20
C ILE B 198 29.53 1.93 -8.55
N ASN B 199 30.36 1.29 -9.37
CA ASN B 199 31.40 0.37 -8.90
C ASN B 199 32.73 1.09 -9.03
N LEU B 200 33.45 1.21 -7.91
CA LEU B 200 34.62 2.08 -7.87
C LEU B 200 35.70 1.67 -8.87
N ARG B 201 35.76 0.40 -9.23
CA ARG B 201 36.79 -0.04 -10.17
C ARG B 201 36.42 0.24 -11.63
N THR B 202 35.16 0.59 -11.90
CA THR B 202 34.69 0.79 -13.27
C THR B 202 34.32 2.22 -13.58
N ASN B 203 33.42 2.82 -12.79
CA ASN B 203 32.89 4.14 -13.08
C ASN B 203 32.81 4.94 -11.78
N ASN B 204 32.71 6.27 -11.94
CA ASN B 204 32.66 7.16 -10.79
C ASN B 204 31.48 8.13 -10.83
N CYS B 205 30.47 7.87 -11.63
CA CYS B 205 29.29 8.73 -11.67
C CYS B 205 28.10 7.95 -12.21
N ALA B 206 26.91 8.46 -11.92
CA ALA B 206 25.66 7.90 -12.41
C ALA B 206 24.76 9.04 -12.85
N THR B 207 24.04 8.82 -13.96
CA THR B 207 23.14 9.81 -14.53
C THR B 207 21.81 9.16 -14.85
N LEU B 208 20.72 9.77 -14.41
CA LEU B 208 19.37 9.26 -14.65
C LEU B 208 18.48 10.39 -15.17
N VAL B 209 17.70 10.10 -16.20
CA VAL B 209 16.75 11.06 -16.76
C VAL B 209 15.35 10.60 -16.37
N LEU B 210 14.64 11.43 -15.63
CA LEU B 210 13.35 11.07 -15.06
C LEU B 210 12.24 11.88 -15.72
N PRO B 211 11.31 11.26 -16.44
CA PRO B 211 10.14 12.00 -16.92
C PRO B 211 9.09 12.13 -15.83
N TYR B 212 8.12 13.00 -16.09
CA TYR B 212 7.02 13.19 -15.14
C TYR B 212 6.08 11.99 -15.20
N VAL B 213 5.93 11.32 -14.05
CA VAL B 213 5.07 10.15 -13.94
C VAL B 213 4.06 10.40 -12.82
N ASN B 214 2.79 10.18 -13.11
CA ASN B 214 1.72 10.38 -12.14
C ASN B 214 0.42 9.86 -12.76
N SER B 215 -0.58 9.67 -11.91
CA SER B 215 -1.92 9.33 -12.37
C SER B 215 -2.70 10.56 -12.81
N LEU B 216 -2.07 11.73 -12.77
CA LEU B 216 -2.70 12.99 -13.14
C LEU B 216 -1.78 13.74 -14.10
N SER B 217 -2.40 14.57 -14.94
CA SER B 217 -1.62 15.39 -15.85
C SER B 217 -0.77 16.41 -15.11
N ILE B 218 -1.29 16.98 -14.02
CA ILE B 218 -0.59 17.98 -13.24
C ILE B 218 -1.17 17.95 -11.84
N ASP B 219 -0.34 18.26 -10.86
CA ASP B 219 -0.72 18.08 -9.46
C ASP B 219 -0.09 19.18 -8.62
N SER B 220 -0.36 19.12 -7.32
CA SER B 220 0.22 20.07 -6.37
C SER B 220 1.62 19.62 -5.98
N MET B 221 2.60 20.50 -6.16
CA MET B 221 3.99 20.15 -5.84
C MET B 221 4.28 20.24 -4.35
N VAL B 222 3.51 21.01 -3.59
CA VAL B 222 3.81 21.18 -2.17
C VAL B 222 3.32 19.99 -1.36
N LYS B 223 2.24 19.33 -1.79
CA LYS B 223 1.64 18.25 -1.01
C LYS B 223 2.15 16.87 -1.38
N HIS B 224 2.58 16.67 -2.63
CA HIS B 224 2.85 15.34 -3.15
C HIS B 224 4.23 15.29 -3.78
N ASN B 225 4.95 14.21 -3.52
CA ASN B 225 6.25 13.95 -4.12
C ASN B 225 6.10 12.85 -5.16
N ASN B 226 6.63 13.10 -6.37
CA ASN B 226 6.49 12.15 -7.47
C ASN B 226 7.61 11.12 -7.50
N TRP B 227 8.84 11.52 -7.19
CA TRP B 227 10.00 10.66 -7.29
C TRP B 227 10.74 10.60 -5.96
N GLY B 228 11.48 9.51 -5.76
CA GLY B 228 12.37 9.38 -4.63
C GLY B 228 13.70 8.81 -5.09
N ILE B 229 14.77 9.24 -4.43
CA ILE B 229 16.13 8.82 -4.75
C ILE B 229 16.72 8.12 -3.53
N ALA B 230 17.25 6.92 -3.73
CA ALA B 230 17.85 6.15 -2.64
C ALA B 230 19.21 5.64 -3.08
N ILE B 231 20.21 5.80 -2.22
CA ILE B 231 21.57 5.36 -2.48
C ILE B 231 21.99 4.45 -1.34
N LEU B 232 22.31 3.19 -1.66
CA LEU B 232 22.70 2.21 -0.67
C LEU B 232 23.97 1.51 -1.10
N PRO B 233 24.90 1.22 -0.16
CA PRO B 233 26.11 0.50 -0.53
C PRO B 233 25.88 -0.99 -0.68
N LEU B 234 26.03 -1.50 -1.90
CA LEU B 234 25.88 -2.94 -2.13
C LEU B 234 27.10 -3.71 -1.63
N ALA B 235 28.28 -3.09 -1.71
CA ALA B 235 29.50 -3.67 -1.16
C ALA B 235 30.14 -2.65 -0.23
N PRO B 236 30.55 -3.04 0.97
CA PRO B 236 31.08 -2.04 1.91
C PRO B 236 32.37 -1.42 1.42
N LEU B 237 32.56 -0.16 1.79
CA LEU B 237 33.77 0.57 1.42
C LEU B 237 34.91 0.15 2.34
N ASN B 238 36.08 -0.11 1.75
CA ASN B 238 37.29 -0.31 2.54
C ASN B 238 38.49 0.02 1.68
N PHE B 239 39.61 0.28 2.36
CA PHE B 239 40.82 0.78 1.73
C PHE B 239 42.00 0.29 2.55
N ALA B 240 43.18 0.27 1.93
CA ALA B 240 44.38 -0.21 2.60
C ALA B 240 44.50 0.38 3.99
N SER B 241 44.37 -0.47 5.01
CA SER B 241 44.41 -0.03 6.40
C SER B 241 44.50 -1.22 7.35
N SER B 244 39.96 5.59 9.48
CA SER B 244 39.11 4.72 8.67
C SER B 244 38.81 5.39 7.33
N PRO B 245 38.57 4.59 6.29
CA PRO B 245 38.34 5.18 4.97
C PRO B 245 37.11 6.07 4.95
N GLU B 246 37.15 7.10 4.12
CA GLU B 246 36.03 8.01 3.95
C GLU B 246 36.17 8.73 2.62
N ILE B 247 35.07 8.77 1.86
CA ILE B 247 35.03 9.56 0.63
C ILE B 247 33.69 10.24 0.51
N PRO B 248 33.65 11.40 -0.16
CA PRO B 248 32.40 12.16 -0.25
C PRO B 248 31.55 11.75 -1.43
N ILE B 249 30.23 11.93 -1.28
CA ILE B 249 29.26 11.75 -2.36
C ILE B 249 28.46 13.04 -2.49
N THR B 250 28.45 13.61 -3.68
CA THR B 250 27.70 14.83 -3.95
C THR B 250 26.66 14.58 -5.03
N LEU B 251 25.53 15.26 -4.91
CA LEU B 251 24.35 15.00 -5.75
C LEU B 251 23.91 16.31 -6.41
N THR B 252 23.69 16.25 -7.72
CA THR B 252 23.28 17.41 -8.51
C THR B 252 22.02 17.06 -9.29
N ILE B 253 21.06 17.97 -9.31
CA ILE B 253 19.75 17.71 -9.90
C ILE B 253 19.31 18.94 -10.68
N ALA B 254 18.68 18.73 -11.84
CA ALA B 254 18.17 19.79 -12.68
C ALA B 254 16.72 19.51 -13.06
N PRO B 255 15.80 20.43 -12.78
CA PRO B 255 14.44 20.28 -13.30
C PRO B 255 14.41 20.39 -14.82
N MET B 256 13.48 19.68 -15.44
CA MET B 256 13.35 19.66 -16.90
C MET B 256 11.90 19.83 -17.28
N CYS B 257 11.65 20.70 -18.27
CA CYS B 257 10.32 20.94 -18.80
C CYS B 257 9.33 21.28 -17.68
N CYS B 258 9.78 22.11 -16.75
CA CYS B 258 8.92 22.50 -15.64
C CYS B 258 7.83 23.46 -16.12
N GLU B 259 6.66 23.36 -15.49
CA GLU B 259 5.48 24.10 -15.91
C GLU B 259 4.58 24.31 -14.70
N PHE B 260 4.06 25.53 -14.55
CA PHE B 260 3.27 25.89 -13.38
C PHE B 260 1.96 26.55 -13.80
N ASN B 261 0.97 26.42 -12.93
CA ASN B 261 -0.38 26.93 -13.20
C ASN B 261 -1.04 27.35 -11.89
N GLY B 262 -2.02 28.23 -11.99
CA GLY B 262 -2.79 28.65 -10.83
C GLY B 262 -2.07 29.60 -9.90
N LEU B 263 -1.82 30.83 -10.36
CA LEU B 263 -1.01 31.78 -9.61
C LEU B 263 -1.85 32.41 -8.48
N ARG B 264 -1.37 32.27 -7.26
CA ARG B 264 -1.99 32.81 -6.05
C ARG B 264 -0.95 33.65 -5.30
N ASN B 265 -1.28 34.02 -4.07
CA ASN B 265 -0.25 34.54 -3.17
C ASN B 265 0.61 33.40 -2.64
N ILE B 266 1.76 33.76 -2.08
CA ILE B 266 2.78 32.77 -1.75
C ILE B 266 2.36 31.96 -0.53
N THR B 267 2.70 30.68 -0.54
CA THR B 267 2.44 29.81 0.61
C THR B 267 3.65 29.77 1.53
N LEU B 268 3.39 29.67 2.83
CA LEU B 268 4.42 29.69 3.87
C LEU B 268 4.21 28.49 4.77
N PRO B 269 4.71 27.32 4.38
CA PRO B 269 4.44 26.10 5.16
C PRO B 269 5.17 26.08 6.49
N ARG B 270 4.63 25.29 7.41
CA ARG B 270 5.25 25.08 8.72
C ARG B 270 6.28 23.96 8.57
N LEU B 271 7.56 24.33 8.53
CA LEU B 271 8.62 23.36 8.31
C LEU B 271 9.25 22.87 9.61
N GLN B 272 8.91 23.47 10.75
CA GLN B 272 9.41 22.99 12.03
C GLN B 272 8.31 23.10 13.09
N GLY C 1 -43.99 -19.25 -24.47
CA GLY C 1 -42.58 -18.90 -24.77
C GLY C 1 -41.82 -20.02 -25.47
N LEU C 2 -40.56 -19.77 -25.77
CA LEU C 2 -39.73 -20.78 -26.42
C LEU C 2 -39.41 -21.90 -25.44
N PRO C 3 -39.76 -23.15 -25.73
CA PRO C 3 -39.45 -24.23 -24.79
C PRO C 3 -37.95 -24.42 -24.64
N VAL C 4 -37.54 -24.78 -23.41
CA VAL C 4 -36.15 -24.96 -23.05
C VAL C 4 -36.07 -25.94 -21.89
N MET C 5 -34.91 -26.60 -21.77
CA MET C 5 -34.61 -27.41 -20.60
C MET C 5 -33.21 -27.07 -20.11
N ASN C 6 -33.01 -27.20 -18.80
CA ASN C 6 -31.77 -26.82 -18.16
C ASN C 6 -30.81 -27.99 -18.12
N THR C 7 -29.52 -27.71 -18.35
CA THR C 7 -28.46 -28.70 -18.28
C THR C 7 -27.75 -28.63 -16.95
N PRO C 8 -26.96 -29.65 -16.60
CA PRO C 8 -26.20 -29.59 -15.36
C PRO C 8 -25.26 -28.39 -15.34
N GLY C 9 -25.10 -27.78 -14.16
CA GLY C 9 -24.27 -26.62 -13.99
C GLY C 9 -25.03 -25.31 -13.88
N SER C 10 -26.33 -25.31 -14.12
CA SER C 10 -27.11 -24.08 -13.98
C SER C 10 -27.19 -23.64 -12.53
N ASN C 11 -27.14 -22.34 -12.31
CA ASN C 11 -27.19 -21.69 -11.00
C ASN C 11 -25.95 -21.93 -10.15
N GLN C 12 -24.86 -22.43 -10.74
CA GLN C 12 -23.61 -22.53 -10.01
C GLN C 12 -22.80 -21.24 -10.19
N TYR C 13 -21.78 -21.07 -9.35
CA TYR C 13 -20.89 -19.93 -9.43
C TYR C 13 -19.46 -20.46 -9.54
N LEU C 14 -18.86 -20.31 -10.71
CA LEU C 14 -17.47 -20.67 -10.94
C LEU C 14 -16.66 -19.38 -11.02
N THR C 15 -15.61 -19.28 -10.19
CA THR C 15 -14.86 -18.04 -10.09
C THR C 15 -14.05 -17.73 -11.35
N ALA C 16 -13.94 -18.66 -12.28
CA ALA C 16 -13.27 -18.43 -13.55
C ALA C 16 -14.24 -18.27 -14.71
N ASP C 17 -15.52 -18.05 -14.44
CA ASP C 17 -16.50 -17.87 -15.51
C ASP C 17 -16.30 -16.51 -16.19
N ASN C 18 -16.85 -16.39 -17.40
CA ASN C 18 -16.61 -15.24 -18.25
C ASN C 18 -17.92 -14.76 -18.90
N PHE C 19 -18.95 -14.59 -18.08
CA PHE C 19 -20.27 -14.18 -18.55
C PHE C 19 -20.46 -12.68 -18.44
N GLN C 20 -21.54 -12.19 -19.06
CA GLN C 20 -21.93 -10.80 -18.99
C GLN C 20 -22.88 -10.57 -17.81
N SER C 21 -22.99 -9.31 -17.40
CA SER C 21 -23.84 -8.94 -16.28
C SER C 21 -24.30 -7.50 -16.46
N PRO C 22 -25.44 -7.13 -15.86
CA PRO C 22 -25.92 -5.76 -16.01
C PRO C 22 -25.06 -4.76 -15.26
N CYS C 23 -25.12 -3.51 -15.71
CA CYS C 23 -24.32 -2.43 -15.11
C CYS C 23 -25.17 -1.65 -14.12
N ALA C 24 -24.60 -1.41 -12.93
CA ALA C 24 -25.32 -0.69 -11.89
C ALA C 24 -25.27 0.81 -12.03
N LEU C 25 -24.40 1.34 -12.92
CA LEU C 25 -24.24 2.77 -13.13
C LEU C 25 -24.38 3.06 -14.62
N PRO C 26 -25.59 2.98 -15.16
CA PRO C 26 -25.76 3.20 -16.60
C PRO C 26 -25.47 4.65 -17.01
N GLU C 27 -24.98 4.79 -18.24
CA GLU C 27 -24.68 6.07 -18.86
C GLU C 27 -23.61 6.85 -18.09
N PHE C 28 -22.76 6.15 -17.35
CA PHE C 28 -21.69 6.82 -16.61
C PHE C 28 -20.63 7.34 -17.58
N ASP C 29 -20.17 8.57 -17.34
CA ASP C 29 -19.17 9.21 -18.19
C ASP C 29 -17.78 8.91 -17.63
N VAL C 30 -16.95 8.24 -18.41
CA VAL C 30 -15.68 7.72 -17.94
C VAL C 30 -14.55 8.69 -18.29
N THR C 31 -13.58 8.82 -17.39
CA THR C 31 -12.44 9.66 -17.64
C THR C 31 -11.56 9.05 -18.72
N PRO C 32 -11.08 9.82 -19.71
CA PRO C 32 -10.20 9.25 -20.71
C PRO C 32 -8.82 8.97 -20.12
N PRO C 33 -8.09 8.00 -20.67
CA PRO C 33 -6.76 7.71 -20.16
C PRO C 33 -5.71 8.62 -20.76
N ILE C 34 -4.52 8.62 -20.14
CA ILE C 34 -3.37 9.34 -20.63
C ILE C 34 -2.21 8.38 -20.77
N ASP C 35 -1.16 8.83 -21.46
CA ASP C 35 0.02 8.01 -21.72
C ASP C 35 0.96 8.08 -20.52
N ILE C 36 0.76 7.16 -19.59
CA ILE C 36 1.63 7.07 -18.42
C ILE C 36 2.85 6.21 -18.76
N PRO C 37 4.08 6.68 -18.51
CA PRO C 37 5.24 5.84 -18.80
C PRO C 37 5.25 4.56 -18.00
N GLY C 38 5.75 3.49 -18.63
CA GLY C 38 5.98 2.24 -17.94
C GLY C 38 4.82 1.28 -17.94
N GLU C 39 4.24 1.02 -19.10
CA GLU C 39 3.13 0.08 -19.19
C GLU C 39 3.63 -1.35 -19.34
N VAL C 40 2.88 -2.30 -18.80
CA VAL C 40 3.24 -3.71 -18.79
C VAL C 40 2.12 -4.50 -19.44
N LYS C 41 2.49 -5.43 -20.32
CA LYS C 41 1.52 -6.29 -20.99
C LYS C 41 1.51 -7.72 -20.45
N ASN C 42 2.67 -8.27 -20.15
CA ASN C 42 2.80 -9.66 -19.75
C ASN C 42 3.64 -9.74 -18.48
N MET C 43 3.36 -10.75 -17.65
CA MET C 43 4.08 -10.88 -16.38
C MET C 43 5.50 -11.36 -16.57
N MET C 44 5.81 -12.05 -17.67
CA MET C 44 7.17 -12.52 -17.92
C MET C 44 8.14 -11.36 -18.12
N GLU C 45 7.64 -10.18 -18.48
CA GLU C 45 8.51 -9.01 -18.57
C GLU C 45 9.20 -8.71 -17.25
N LEU C 46 8.47 -8.83 -16.14
CA LEU C 46 9.07 -8.63 -14.83
C LEU C 46 10.05 -9.73 -14.48
N ALA C 47 9.78 -10.97 -14.88
CA ALA C 47 10.71 -12.07 -14.63
C ALA C 47 11.98 -11.94 -15.45
N GLU C 48 11.94 -11.23 -16.58
CA GLU C 48 13.11 -11.07 -17.42
C GLU C 48 14.03 -9.94 -16.96
N ILE C 49 13.92 -9.49 -15.71
CA ILE C 49 14.79 -8.44 -15.18
C ILE C 49 15.74 -9.05 -14.16
N ASP C 50 17.01 -8.66 -14.22
CA ASP C 50 18.02 -9.18 -13.31
C ASP C 50 17.74 -8.69 -11.88
N THR C 51 17.77 -9.61 -10.93
CA THR C 51 17.63 -9.29 -9.52
C THR C 51 18.68 -10.06 -8.72
N MET C 52 19.03 -9.52 -7.55
CA MET C 52 20.18 -9.99 -6.80
C MET C 52 19.81 -11.19 -5.93
N ILE C 53 20.77 -12.08 -5.74
CA ILE C 53 20.55 -13.39 -5.10
C ILE C 53 21.14 -13.34 -3.70
N PRO C 54 20.37 -13.73 -2.66
CA PRO C 54 20.96 -13.89 -1.31
C PRO C 54 21.65 -15.24 -1.13
N PHE C 55 22.92 -15.30 -1.57
CA PHE C 55 23.63 -16.58 -1.59
C PHE C 55 23.80 -17.17 -0.20
N ASP C 56 24.17 -16.35 0.78
CA ASP C 56 24.70 -16.88 2.03
C ASP C 56 23.60 -17.54 2.88
N LEU C 57 22.65 -16.75 3.37
CA LEU C 57 21.56 -17.26 4.21
C LEU C 57 22.07 -18.10 5.37
N SER C 58 23.20 -17.74 5.95
CA SER C 58 23.66 -18.42 7.15
C SER C 58 22.75 -18.09 8.32
N ALA C 59 22.90 -18.83 9.42
CA ALA C 59 22.06 -18.61 10.59
C ALA C 59 22.24 -17.21 11.15
N LYS C 60 23.47 -16.68 11.10
CA LYS C 60 23.77 -15.36 11.64
C LYS C 60 23.80 -14.26 10.57
N LYS C 61 23.58 -14.60 9.30
CA LYS C 61 23.66 -13.63 8.23
C LYS C 61 22.36 -13.50 7.44
N LYS C 62 21.43 -14.43 7.57
CA LYS C 62 20.14 -14.31 6.89
C LYS C 62 19.33 -13.17 7.49
N ASN C 63 18.59 -12.48 6.62
CA ASN C 63 17.79 -11.31 7.01
C ASN C 63 18.69 -10.15 7.43
N THR C 64 19.80 -9.98 6.72
CA THR C 64 20.67 -8.83 6.89
C THR C 64 21.23 -8.45 5.52
N MET C 65 22.02 -7.37 5.50
CA MET C 65 22.64 -6.95 4.25
C MET C 65 23.80 -7.85 3.85
N GLU C 66 24.29 -8.69 4.76
CA GLU C 66 25.43 -9.53 4.46
C GLU C 66 25.07 -10.76 3.63
N MET C 67 23.79 -11.09 3.52
CA MET C 67 23.41 -12.32 2.83
C MET C 67 23.60 -12.24 1.33
N TYR C 68 23.75 -11.04 0.77
CA TYR C 68 23.89 -10.89 -0.68
C TYR C 68 25.34 -10.98 -1.14
N ARG C 69 26.30 -11.02 -0.23
CA ARG C 69 27.71 -10.88 -0.56
C ARG C 69 28.43 -12.20 -0.39
N VAL C 70 29.24 -12.57 -1.39
CA VAL C 70 30.06 -13.78 -1.37
C VAL C 70 31.51 -13.35 -1.32
N ARG C 71 32.29 -13.98 -0.44
CA ARG C 71 33.62 -13.52 -0.09
C ARG C 71 34.69 -14.24 -0.90
N LEU C 72 35.61 -13.48 -1.46
CA LEU C 72 36.80 -13.99 -2.12
C LEU C 72 38.05 -13.52 -1.38
N SER C 73 39.19 -14.10 -1.74
CA SER C 73 40.46 -13.73 -1.13
C SER C 73 41.60 -14.15 -2.03
N ASP C 74 42.79 -13.66 -1.71
CA ASP C 74 44.02 -13.95 -2.46
C ASP C 74 44.80 -15.14 -1.91
N LYS C 75 44.11 -16.08 -1.27
CA LYS C 75 44.75 -17.24 -0.70
C LYS C 75 45.24 -18.18 -1.81
N PRO C 76 46.14 -19.11 -1.47
CA PRO C 76 46.66 -20.04 -2.49
C PRO C 76 45.55 -20.82 -3.18
N HIS C 77 45.89 -21.42 -4.31
CA HIS C 77 44.91 -22.14 -5.11
C HIS C 77 44.38 -23.37 -4.38
N THR C 78 43.10 -23.65 -4.58
CA THR C 78 42.46 -24.84 -4.02
C THR C 78 41.31 -25.22 -4.94
N ASP C 79 40.92 -26.50 -4.91
CA ASP C 79 39.90 -27.04 -5.79
C ASP C 79 38.52 -27.12 -5.14
N ASP C 80 38.29 -26.41 -4.04
CA ASP C 80 37.00 -26.44 -3.39
C ASP C 80 36.05 -25.40 -3.99
N PRO C 81 34.75 -25.65 -3.96
CA PRO C 81 33.80 -24.69 -4.53
C PRO C 81 33.65 -23.44 -3.67
N ILE C 82 33.27 -22.35 -4.32
CA ILE C 82 33.00 -21.10 -3.61
C ILE C 82 31.54 -21.03 -3.18
N LEU C 83 30.63 -21.51 -4.03
CA LEU C 83 29.21 -21.51 -3.71
C LEU C 83 28.54 -22.66 -4.46
N CYS C 84 27.37 -23.07 -3.96
CA CYS C 84 26.62 -24.17 -4.53
C CYS C 84 25.15 -23.81 -4.64
N LEU C 85 24.50 -24.31 -5.70
CA LEU C 85 23.09 -24.06 -5.95
C LEU C 85 22.45 -25.34 -6.47
N SER C 86 21.13 -25.46 -6.27
CA SER C 86 20.38 -26.65 -6.65
C SER C 86 19.51 -26.44 -7.87
N LEU C 87 19.47 -25.21 -8.41
CA LEU C 87 18.64 -24.91 -9.57
C LEU C 87 17.18 -25.34 -9.36
N SER C 88 16.53 -24.78 -8.35
CA SER C 88 15.09 -24.92 -8.13
C SER C 88 14.53 -23.52 -8.01
N PRO C 89 14.23 -22.87 -9.14
CA PRO C 89 13.95 -21.43 -9.10
C PRO C 89 12.83 -21.02 -8.16
N ALA C 90 11.87 -21.90 -7.89
CA ALA C 90 10.73 -21.55 -7.06
C ALA C 90 10.81 -22.13 -5.65
N SER C 91 11.60 -23.18 -5.43
CA SER C 91 11.66 -23.82 -4.12
C SER C 91 13.00 -23.71 -3.42
N ASP C 92 14.09 -23.46 -4.12
CA ASP C 92 15.37 -23.26 -3.46
C ASP C 92 15.31 -21.97 -2.66
N PRO C 93 15.66 -21.96 -1.38
CA PRO C 93 15.52 -20.73 -0.58
C PRO C 93 16.34 -19.56 -1.11
N ARG C 94 17.43 -19.82 -1.82
CA ARG C 94 18.24 -18.73 -2.36
C ARG C 94 17.55 -18.11 -3.59
N LEU C 95 16.86 -18.91 -4.38
CA LEU C 95 16.22 -18.43 -5.61
C LEU C 95 14.73 -18.16 -5.44
N SER C 96 14.11 -18.70 -4.39
CA SER C 96 12.66 -18.64 -4.28
C SER C 96 12.15 -17.21 -4.11
N HIS C 97 12.88 -16.37 -3.37
CA HIS C 97 12.43 -15.03 -3.04
C HIS C 97 12.90 -13.96 -4.03
N THR C 98 13.60 -14.35 -5.09
CA THR C 98 13.90 -13.39 -6.15
C THR C 98 12.62 -13.05 -6.92
N MET C 99 12.71 -12.03 -7.77
CA MET C 99 11.56 -11.65 -8.57
C MET C 99 11.13 -12.80 -9.48
N LEU C 100 12.08 -13.48 -10.11
CA LEU C 100 11.76 -14.66 -10.91
C LEU C 100 11.03 -15.70 -10.08
N GLY C 101 11.61 -16.06 -8.93
CA GLY C 101 10.95 -17.05 -8.08
C GLY C 101 9.63 -16.56 -7.52
N GLU C 102 9.53 -15.27 -7.22
CA GLU C 102 8.28 -14.73 -6.69
C GLU C 102 7.16 -14.84 -7.73
N ILE C 103 7.48 -14.56 -8.99
CA ILE C 103 6.47 -14.71 -10.05
C ILE C 103 6.17 -16.19 -10.29
N LEU C 104 7.19 -17.05 -10.22
CA LEU C 104 6.96 -18.48 -10.43
C LEU C 104 6.03 -19.05 -9.37
N ASN C 105 6.12 -18.56 -8.14
CA ASN C 105 5.30 -19.12 -7.07
C ASN C 105 3.81 -18.89 -7.26
N TYR C 106 3.40 -18.22 -8.33
CA TYR C 106 1.99 -18.14 -8.73
C TYR C 106 1.63 -19.13 -9.83
N TYR C 107 2.52 -20.05 -10.16
CA TYR C 107 2.29 -20.99 -11.25
C TYR C 107 2.80 -22.37 -10.85
N THR C 108 2.29 -23.39 -11.55
CA THR C 108 2.64 -24.78 -11.25
C THR C 108 3.68 -25.35 -12.20
N HIS C 109 3.78 -24.84 -13.42
CA HIS C 109 4.66 -25.38 -14.44
C HIS C 109 5.48 -24.25 -15.05
N TRP C 110 6.73 -24.56 -15.40
CA TRP C 110 7.63 -23.59 -16.01
C TRP C 110 8.57 -24.28 -16.99
N ALA C 111 9.11 -23.50 -17.92
CA ALA C 111 10.09 -23.99 -18.88
C ALA C 111 10.88 -22.82 -19.43
N GLY C 112 12.05 -23.12 -19.99
CA GLY C 112 12.90 -22.13 -20.60
C GLY C 112 14.30 -22.14 -20.02
N SER C 113 15.11 -21.19 -20.49
CA SER C 113 16.50 -21.06 -20.09
C SER C 113 16.66 -19.90 -19.10
N LEU C 114 17.73 -19.98 -18.30
CA LEU C 114 18.00 -19.02 -17.25
C LEU C 114 19.39 -18.42 -17.43
N LYS C 115 19.55 -17.18 -17.01
CA LYS C 115 20.82 -16.45 -17.11
C LYS C 115 21.30 -16.09 -15.71
N PHE C 116 22.57 -16.34 -15.45
CA PHE C 116 23.22 -15.95 -14.21
C PHE C 116 24.31 -14.94 -14.51
N THR C 117 24.32 -13.84 -13.75
CA THR C 117 25.31 -12.78 -13.94
C THR C 117 26.02 -12.54 -12.61
N PHE C 118 27.34 -12.35 -12.68
CA PHE C 118 28.15 -12.12 -11.50
C PHE C 118 28.92 -10.81 -11.66
N LEU C 119 29.08 -10.08 -10.56
CA LEU C 119 29.74 -8.78 -10.56
C LEU C 119 30.87 -8.80 -9.53
N PHE C 120 32.04 -8.34 -9.96
CA PHE C 120 33.23 -8.32 -9.11
C PHE C 120 33.42 -6.93 -8.55
N CYS C 121 33.50 -6.82 -7.22
CA CYS C 121 33.54 -5.54 -6.52
C CYS C 121 34.85 -5.36 -5.76
N GLY C 122 35.96 -5.80 -6.34
CA GLY C 122 37.27 -5.53 -5.79
C GLY C 122 37.90 -4.30 -6.40
N SER C 123 39.13 -4.02 -5.98
CA SER C 123 39.85 -2.89 -6.51
C SER C 123 40.33 -3.17 -7.94
N MET C 124 40.71 -2.11 -8.65
CA MET C 124 41.17 -2.25 -10.03
C MET C 124 42.50 -2.98 -10.11
N MET C 125 43.22 -3.11 -9.00
CA MET C 125 44.53 -3.77 -8.99
C MET C 125 44.43 -5.28 -8.85
N ALA C 126 43.25 -5.82 -8.55
CA ALA C 126 43.10 -7.25 -8.35
C ALA C 126 42.85 -7.96 -9.67
N THR C 127 43.40 -9.16 -9.80
CA THR C 127 43.25 -9.96 -11.01
C THR C 127 43.05 -11.42 -10.62
N GLY C 128 42.44 -12.17 -11.54
CA GLY C 128 42.21 -13.58 -11.31
C GLY C 128 41.20 -14.13 -12.29
N LYS C 129 41.05 -15.44 -12.25
CA LYS C 129 40.13 -16.17 -13.12
C LYS C 129 39.29 -17.14 -12.29
N LEU C 130 38.05 -17.34 -12.72
CA LEU C 130 37.10 -18.18 -12.02
C LEU C 130 36.39 -19.11 -13.01
N LEU C 131 35.86 -20.20 -12.48
CA LEU C 131 35.13 -21.19 -13.27
C LEU C 131 33.68 -21.24 -12.77
N VAL C 132 32.74 -21.17 -13.70
CA VAL C 132 31.31 -21.29 -13.42
C VAL C 132 30.77 -22.45 -14.26
N SER C 133 30.08 -23.38 -13.62
CA SER C 133 29.68 -24.62 -14.27
C SER C 133 28.24 -24.96 -13.95
N TYR C 134 27.64 -25.75 -14.84
CA TYR C 134 26.29 -26.30 -14.67
C TYR C 134 26.33 -27.78 -14.98
N ALA C 135 25.83 -28.60 -14.05
CA ALA C 135 25.81 -30.05 -14.22
C ALA C 135 24.37 -30.54 -14.30
N PRO C 136 23.93 -31.13 -15.41
CA PRO C 136 22.60 -31.72 -15.45
C PRO C 136 22.46 -32.82 -14.42
N PRO C 137 21.24 -33.10 -13.96
CA PRO C 137 21.07 -34.07 -12.87
C PRO C 137 21.36 -35.49 -13.32
N GLY C 138 21.36 -36.40 -12.36
CA GLY C 138 21.55 -37.81 -12.61
C GLY C 138 22.86 -38.39 -12.11
N ALA C 139 23.76 -37.58 -11.56
CA ALA C 139 25.04 -38.05 -11.08
C ALA C 139 25.37 -37.31 -9.79
N ASP C 140 26.55 -37.59 -9.24
CA ASP C 140 26.96 -36.94 -8.02
C ASP C 140 27.10 -35.43 -8.24
N PRO C 141 26.63 -34.60 -7.30
CA PRO C 141 26.84 -33.17 -7.43
C PRO C 141 28.30 -32.81 -7.24
N PRO C 142 28.89 -32.04 -8.16
CA PRO C 142 30.34 -31.78 -8.09
C PRO C 142 30.75 -31.14 -6.77
N LYS C 143 31.84 -31.65 -6.19
CA LYS C 143 32.48 -31.06 -5.03
C LYS C 143 33.92 -30.66 -5.30
N LYS C 144 34.48 -31.06 -6.44
CA LYS C 144 35.84 -30.71 -6.83
C LYS C 144 35.83 -30.19 -8.25
N ARG C 145 36.75 -29.27 -8.54
CA ARG C 145 36.84 -28.71 -9.88
C ARG C 145 37.03 -29.79 -10.93
N LYS C 146 37.68 -30.89 -10.57
CA LYS C 146 37.89 -31.99 -11.50
C LYS C 146 36.56 -32.50 -12.03
N GLU C 147 35.54 -32.56 -11.18
CA GLU C 147 34.23 -33.05 -11.60
C GLU C 147 33.44 -31.97 -12.32
N ALA C 148 33.44 -30.75 -11.78
CA ALA C 148 32.65 -29.68 -12.38
C ALA C 148 33.18 -29.30 -13.77
N MET C 149 34.44 -29.64 -14.06
CA MET C 149 35.01 -29.28 -15.35
C MET C 149 34.39 -30.07 -16.50
N LEU C 150 33.67 -31.15 -16.21
CA LEU C 150 33.10 -31.99 -17.25
C LEU C 150 31.73 -31.53 -17.73
N GLY C 151 31.06 -30.65 -16.99
CA GLY C 151 29.76 -30.15 -17.39
C GLY C 151 29.87 -28.88 -18.21
N THR C 152 28.71 -28.26 -18.43
CA THR C 152 28.66 -26.98 -19.11
C THR C 152 29.29 -25.92 -18.21
N HIS C 153 30.29 -25.22 -18.73
CA HIS C 153 31.04 -24.27 -17.91
C HIS C 153 31.59 -23.16 -18.78
N VAL C 154 31.91 -22.05 -18.12
CA VAL C 154 32.56 -20.91 -18.75
C VAL C 154 33.68 -20.43 -17.83
N ILE C 155 34.74 -19.92 -18.44
CA ILE C 155 35.88 -19.40 -17.70
C ILE C 155 35.82 -17.88 -17.74
N TRP C 156 35.86 -17.26 -16.57
CA TRP C 156 35.68 -15.81 -16.43
C TRP C 156 37.02 -15.18 -16.08
N ASP C 157 37.45 -14.23 -16.89
CA ASP C 157 38.68 -13.48 -16.66
C ASP C 157 38.31 -12.08 -16.19
N ILE C 158 38.82 -11.69 -15.02
CA ILE C 158 38.48 -10.40 -14.41
C ILE C 158 39.38 -9.34 -15.02
N GLY C 159 38.81 -8.50 -15.88
CA GLY C 159 39.55 -7.42 -16.51
C GLY C 159 38.74 -6.14 -16.58
N LEU C 160 38.84 -5.42 -17.70
CA LEU C 160 38.12 -4.16 -17.84
C LEU C 160 36.61 -4.37 -17.90
N GLN C 161 36.15 -5.49 -18.41
CA GLN C 161 34.76 -5.91 -18.25
C GLN C 161 34.63 -6.61 -16.91
N SER C 162 33.82 -6.03 -16.01
CA SER C 162 33.79 -6.42 -14.61
C SER C 162 32.71 -7.46 -14.29
N SER C 163 32.00 -7.97 -15.29
CA SER C 163 30.93 -8.93 -15.05
C SER C 163 30.96 -10.03 -16.10
N CYS C 164 30.40 -11.17 -15.74
CA CYS C 164 30.30 -12.32 -16.63
C CYS C 164 28.90 -12.90 -16.56
N THR C 165 28.44 -13.46 -17.67
CA THR C 165 27.11 -14.04 -17.78
C THR C 165 27.20 -15.49 -18.23
N MET C 166 26.39 -16.35 -17.63
CA MET C 166 26.29 -17.75 -18.02
C MET C 166 24.82 -18.06 -18.31
N VAL C 167 24.57 -18.68 -19.46
CA VAL C 167 23.23 -19.10 -19.83
C VAL C 167 23.08 -20.58 -19.51
N VAL C 168 22.11 -20.92 -18.70
CA VAL C 168 21.78 -22.32 -18.39
C VAL C 168 20.75 -22.78 -19.42
N PRO C 169 21.13 -23.59 -20.41
CA PRO C 169 20.19 -23.96 -21.46
C PRO C 169 19.14 -24.95 -20.98
N TRP C 170 17.98 -24.88 -21.63
CA TRP C 170 16.86 -25.76 -21.29
C TRP C 170 17.18 -27.20 -21.72
N ILE C 171 17.23 -28.11 -20.75
CA ILE C 171 17.42 -29.53 -21.02
C ILE C 171 16.65 -30.30 -19.97
N SER C 172 15.65 -31.06 -20.40
CA SER C 172 14.86 -31.87 -19.48
C SER C 172 14.14 -32.96 -20.26
N ASN C 173 13.70 -33.99 -19.53
CA ASN C 173 12.94 -35.07 -20.16
C ASN C 173 11.51 -34.62 -20.45
N THR C 174 10.89 -33.91 -19.52
CA THR C 174 9.52 -33.44 -19.72
C THR C 174 9.52 -32.06 -20.37
N THR C 175 8.36 -31.71 -20.93
CA THR C 175 8.20 -30.41 -21.58
C THR C 175 8.08 -29.27 -20.57
N TYR C 176 7.65 -29.57 -19.34
CA TYR C 176 7.59 -28.58 -18.28
C TYR C 176 8.15 -29.19 -17.00
N ARG C 177 8.63 -28.32 -16.12
CA ARG C 177 9.07 -28.71 -14.79
C ARG C 177 8.09 -28.17 -13.76
N GLN C 178 8.02 -28.84 -12.62
CA GLN C 178 7.15 -28.40 -11.53
C GLN C 178 7.87 -27.40 -10.64
N THR C 179 7.08 -26.53 -10.00
CA THR C 179 7.60 -25.47 -9.14
C THR C 179 7.74 -25.91 -7.70
N ILE C 180 7.96 -27.21 -7.46
CA ILE C 180 8.18 -27.75 -6.13
C ILE C 180 9.35 -28.72 -6.19
N ASP C 181 9.82 -29.12 -5.02
CA ASP C 181 10.90 -30.11 -4.94
C ASP C 181 10.36 -31.47 -5.38
N ASP C 182 10.82 -31.94 -6.55
CA ASP C 182 10.33 -33.18 -7.13
C ASP C 182 11.50 -33.89 -7.78
N SER C 183 11.77 -35.12 -7.36
CA SER C 183 12.93 -35.85 -7.87
C SER C 183 12.79 -36.13 -9.36
N PHE C 184 11.56 -36.29 -9.85
CA PHE C 184 11.38 -36.65 -11.25
C PHE C 184 11.67 -35.49 -12.19
N THR C 185 11.51 -34.25 -11.73
CA THR C 185 11.76 -33.07 -12.55
C THR C 185 12.81 -32.15 -11.94
N GLU C 186 13.87 -32.72 -11.37
CA GLU C 186 14.94 -31.92 -10.80
C GLU C 186 15.75 -31.24 -11.90
N GLY C 187 16.42 -30.15 -11.53
CA GLY C 187 17.03 -29.27 -12.51
C GLY C 187 18.52 -29.44 -12.73
N GLY C 188 19.29 -29.58 -11.66
CA GLY C 188 20.73 -29.70 -11.76
C GLY C 188 21.46 -28.95 -10.65
N TYR C 189 22.72 -28.64 -10.92
CA TYR C 189 23.61 -28.05 -9.93
C TYR C 189 24.45 -26.95 -10.56
N ILE C 190 24.71 -25.90 -9.80
CA ILE C 190 25.51 -24.76 -10.24
C ILE C 190 26.54 -24.45 -9.15
N SER C 191 27.77 -24.19 -9.58
CA SER C 191 28.86 -23.96 -8.62
C SER C 191 29.92 -23.08 -9.26
N VAL C 192 30.79 -22.53 -8.40
CA VAL C 192 31.86 -21.63 -8.82
C VAL C 192 33.16 -22.11 -8.19
N PHE C 193 34.25 -22.05 -8.96
CA PHE C 193 35.56 -22.50 -8.53
C PHE C 193 36.62 -21.50 -8.96
N TYR C 194 37.77 -21.52 -8.28
CA TYR C 194 38.93 -20.79 -8.75
C TYR C 194 39.59 -21.53 -9.91
N GLN C 195 39.84 -20.81 -10.99
CA GLN C 195 40.68 -21.32 -12.07
C GLN C 195 42.14 -21.01 -11.79
N THR C 196 42.44 -19.76 -11.44
CA THR C 196 43.69 -19.36 -10.82
C THR C 196 43.36 -18.42 -9.67
N ARG C 197 44.22 -18.41 -8.65
CA ARG C 197 43.93 -17.62 -7.47
C ARG C 197 43.82 -16.14 -7.80
N ILE C 198 43.35 -15.37 -6.82
CA ILE C 198 43.35 -13.92 -6.94
C ILE C 198 44.73 -13.40 -6.58
N VAL C 199 45.28 -12.52 -7.42
CA VAL C 199 46.59 -11.93 -7.22
C VAL C 199 46.42 -10.44 -6.99
N VAL C 200 47.06 -9.92 -5.93
CA VAL C 200 46.92 -8.51 -5.58
C VAL C 200 48.30 -7.97 -5.20
N PRO C 201 48.60 -6.70 -5.46
CA PRO C 201 49.87 -6.13 -5.02
C PRO C 201 49.78 -5.57 -3.60
N LEU C 202 50.89 -4.97 -3.17
CA LEU C 202 50.97 -4.39 -1.84
C LEU C 202 50.11 -3.13 -1.75
N SER C 203 49.72 -2.79 -0.52
CA SER C 203 48.88 -1.62 -0.25
C SER C 203 47.52 -1.75 -0.92
N THR C 204 46.93 -2.94 -0.84
CA THR C 204 45.62 -3.20 -1.42
C THR C 204 44.86 -4.14 -0.49
N PRO C 205 43.54 -4.02 -0.42
CA PRO C 205 42.77 -5.01 0.34
C PRO C 205 42.97 -6.41 -0.21
N ARG C 206 43.09 -7.39 0.68
CA ARG C 206 43.31 -8.77 0.29
C ARG C 206 42.05 -9.62 0.35
N GLU C 207 40.88 -9.00 0.59
CA GLU C 207 39.60 -9.67 0.55
C GLU C 207 38.61 -8.80 -0.20
N MET C 208 37.70 -9.43 -0.93
CA MET C 208 36.72 -8.70 -1.73
C MET C 208 35.48 -9.56 -1.92
N ASP C 209 34.39 -8.91 -2.30
CA ASP C 209 33.10 -9.56 -2.45
C ASP C 209 32.65 -9.57 -3.91
N ILE C 210 31.70 -10.45 -4.21
CA ILE C 210 31.06 -10.51 -5.51
C ILE C 210 29.55 -10.57 -5.32
N LEU C 211 28.82 -10.17 -6.34
CA LEU C 211 27.36 -10.14 -6.32
C LEU C 211 26.83 -10.97 -7.48
N GLY C 212 25.63 -11.52 -7.30
CA GLY C 212 25.03 -12.37 -8.31
C GLY C 212 23.63 -11.92 -8.65
N PHE C 213 23.25 -12.17 -9.90
CA PHE C 213 21.95 -11.80 -10.43
C PHE C 213 21.39 -12.95 -11.26
N VAL C 214 20.06 -13.03 -11.35
CA VAL C 214 19.39 -14.09 -12.08
C VAL C 214 18.19 -13.49 -12.83
N SER C 215 17.97 -13.96 -14.05
CA SER C 215 16.82 -13.54 -14.84
C SER C 215 16.48 -14.64 -15.84
N ALA C 216 15.40 -14.42 -16.59
CA ALA C 216 14.93 -15.42 -17.54
C ALA C 216 15.16 -14.94 -18.97
N CYS C 217 15.29 -15.91 -19.87
CA CYS C 217 15.46 -15.61 -21.29
C CYS C 217 14.11 -15.34 -21.96
N ASN C 218 14.16 -15.10 -23.26
CA ASN C 218 12.95 -14.78 -24.01
C ASN C 218 12.18 -16.03 -24.47
N ASP C 219 12.61 -17.22 -24.05
CA ASP C 219 11.88 -18.44 -24.32
C ASP C 219 11.24 -19.04 -23.07
N PHE C 220 11.08 -18.26 -22.02
CA PHE C 220 10.58 -18.75 -20.74
C PHE C 220 9.06 -18.69 -20.72
N SER C 221 8.43 -19.64 -20.02
CA SER C 221 6.98 -19.70 -19.97
C SER C 221 6.52 -20.31 -18.65
N VAL C 222 5.28 -19.99 -18.29
CA VAL C 222 4.58 -20.56 -17.14
C VAL C 222 3.10 -20.60 -17.47
N ARG C 223 2.45 -21.70 -17.13
CA ARG C 223 1.10 -21.91 -17.63
C ARG C 223 0.02 -22.08 -16.55
N LEU C 224 0.17 -22.99 -15.61
CA LEU C 224 -0.93 -23.33 -14.69
C LEU C 224 -0.81 -22.47 -13.43
N MET C 225 -1.80 -21.61 -13.21
CA MET C 225 -1.74 -20.62 -12.15
C MET C 225 -2.30 -21.17 -10.83
N ARG C 226 -1.81 -20.62 -9.72
CA ARG C 226 -2.18 -21.08 -8.39
C ARG C 226 -1.90 -19.96 -7.39
N ASP C 227 -2.45 -20.12 -6.19
CA ASP C 227 -2.16 -19.19 -5.11
C ASP C 227 -0.74 -19.38 -4.59
N THR C 228 -0.16 -18.30 -4.11
CA THR C 228 1.20 -18.33 -3.58
C THR C 228 1.19 -18.59 -2.08
N THR C 229 2.32 -19.11 -1.58
CA THR C 229 2.47 -19.40 -0.16
C THR C 229 3.33 -18.38 0.57
N HIS C 230 3.71 -17.28 -0.08
CA HIS C 230 4.57 -16.28 0.53
C HIS C 230 3.79 -15.22 1.31
N ILE C 231 2.47 -15.31 1.37
CA ILE C 231 1.65 -14.37 2.12
C ILE C 231 0.57 -15.14 2.86
N GLU C 232 0.30 -14.71 4.10
CA GLU C 232 -0.72 -15.36 4.91
C GLU C 232 -1.32 -14.31 5.84
N GLN C 233 -2.52 -14.62 6.33
CA GLN C 233 -3.29 -13.72 7.17
C GLN C 233 -3.75 -14.48 8.42
N LYS C 234 -3.80 -13.78 9.54
CA LYS C 234 -4.20 -14.39 10.80
C LYS C 234 -5.69 -14.21 11.06
N ALA C 235 -6.24 -15.10 11.88
CA ALA C 235 -7.66 -15.05 12.23
C ALA C 235 -8.01 -13.74 12.93
N GLY D 1 -26.02 -8.97 -35.20
CA GLY D 1 -24.57 -8.65 -35.35
C GLY D 1 -23.70 -9.42 -34.40
N ALA D 2 -23.35 -10.65 -34.79
CA ALA D 2 -22.56 -11.54 -33.94
C ALA D 2 -21.11 -11.56 -34.40
N GLN D 3 -20.22 -11.78 -33.43
CA GLN D 3 -18.79 -11.91 -33.71
C GLN D 3 -18.41 -13.39 -33.76
N VAL D 4 -17.68 -13.76 -34.80
CA VAL D 4 -17.20 -15.13 -34.99
C VAL D 4 -15.69 -15.11 -34.87
N SER D 5 -15.17 -15.85 -33.89
CA SER D 5 -13.73 -15.90 -33.63
C SER D 5 -13.30 -17.35 -33.53
N SER D 6 -12.02 -17.60 -33.75
CA SER D 6 -11.50 -18.95 -33.82
C SER D 6 -10.93 -19.39 -32.47
N GLN D 7 -11.36 -20.56 -32.01
CA GLN D 7 -10.76 -21.18 -30.85
C GLN D 7 -9.36 -21.69 -31.20
N LYS D 8 -8.53 -21.84 -30.17
CA LYS D 8 -7.24 -22.49 -30.33
C LYS D 8 -7.31 -23.88 -29.73
N VAL D 9 -7.01 -24.89 -30.54
CA VAL D 9 -7.13 -26.28 -30.12
C VAL D 9 -5.80 -26.77 -29.56
N ILE D 24 -14.03 -25.09 -34.72
CA ILE D 24 -12.85 -24.22 -34.77
C ILE D 24 -13.24 -22.79 -34.40
N ASN D 25 -14.47 -22.41 -34.72
CA ASN D 25 -14.97 -21.08 -34.44
C ASN D 25 -15.93 -21.11 -33.26
N TYR D 26 -16.26 -19.91 -32.76
CA TYR D 26 -17.27 -19.75 -31.72
C TYR D 26 -17.89 -18.37 -31.85
N THR D 27 -19.07 -18.21 -31.24
CA THR D 27 -19.91 -17.05 -31.45
C THR D 27 -20.15 -16.32 -30.12
N THR D 28 -20.25 -15.00 -30.20
CA THR D 28 -20.55 -14.16 -29.04
C THR D 28 -21.35 -12.96 -29.48
N ILE D 29 -22.20 -12.46 -28.58
CA ILE D 29 -23.08 -11.32 -28.84
C ILE D 29 -23.15 -10.46 -27.59
N ASN D 30 -23.24 -9.14 -27.77
CA ASN D 30 -23.36 -8.21 -26.67
C ASN D 30 -24.83 -7.89 -26.42
N TYR D 31 -25.26 -7.99 -25.16
CA TYR D 31 -26.66 -7.82 -24.80
C TYR D 31 -26.97 -6.47 -24.17
N TYR D 32 -25.95 -5.75 -23.69
CA TYR D 32 -26.15 -4.52 -22.93
C TYR D 32 -25.50 -3.35 -23.66
N ARG D 33 -26.03 -2.15 -23.40
CA ARG D 33 -25.53 -0.94 -24.02
C ARG D 33 -24.29 -0.38 -23.33
N ASP D 34 -23.97 -0.87 -22.13
CA ASP D 34 -22.77 -0.41 -21.43
C ASP D 34 -21.61 -1.38 -21.69
N SER D 35 -20.46 -0.83 -22.06
CA SER D 35 -19.31 -1.67 -22.36
C SER D 35 -18.75 -2.35 -21.12
N ALA D 36 -19.03 -1.84 -19.93
CA ALA D 36 -18.56 -2.48 -18.72
C ALA D 36 -19.18 -3.85 -18.52
N SER D 37 -20.29 -4.13 -19.18
CA SER D 37 -20.97 -5.42 -19.04
C SER D 37 -20.37 -6.50 -19.92
N ASN D 38 -19.49 -6.15 -20.85
CA ASN D 38 -18.94 -7.14 -21.77
C ASN D 38 -18.07 -8.14 -21.02
N ALA D 39 -17.98 -9.34 -21.59
CA ALA D 39 -17.06 -10.35 -21.07
C ALA D 39 -15.66 -10.07 -21.58
N ALA D 40 -14.67 -10.62 -20.87
CA ALA D 40 -13.28 -10.46 -21.28
C ALA D 40 -13.08 -11.03 -22.67
N SER D 41 -12.68 -10.16 -23.61
CA SER D 41 -12.48 -10.60 -24.99
C SER D 41 -11.10 -11.23 -25.21
N LYS D 42 -10.19 -11.08 -24.26
CA LYS D 42 -8.83 -11.60 -24.40
C LYS D 42 -8.21 -11.08 -25.70
N GLN D 43 -7.54 -11.94 -26.45
CA GLN D 43 -6.90 -11.55 -27.71
C GLN D 43 -5.91 -10.42 -27.47
N ASP D 44 -4.99 -10.62 -26.54
CA ASP D 44 -4.04 -9.59 -26.18
C ASP D 44 -2.89 -9.52 -27.20
N PHE D 45 -2.07 -8.48 -27.05
CA PHE D 45 -0.93 -8.24 -27.94
C PHE D 45 0.33 -8.08 -27.11
N SER D 46 1.44 -8.61 -27.61
CA SER D 46 2.71 -8.54 -26.90
C SER D 46 3.42 -7.22 -27.19
N GLN D 47 4.46 -6.95 -26.41
CA GLN D 47 5.29 -5.77 -26.58
C GLN D 47 6.75 -6.12 -26.34
N ASP D 48 7.62 -5.24 -26.81
CA ASP D 48 9.05 -5.41 -26.61
C ASP D 48 9.45 -4.89 -25.23
N PRO D 49 10.09 -5.70 -24.38
CA PRO D 49 10.49 -5.22 -23.05
C PRO D 49 11.75 -4.38 -23.03
N SER D 50 12.20 -3.86 -24.18
CA SER D 50 13.44 -3.08 -24.21
C SER D 50 13.37 -1.87 -23.29
N LYS D 51 12.18 -1.30 -23.08
CA LYS D 51 12.07 -0.14 -22.20
C LYS D 51 12.53 -0.45 -20.79
N PHE D 52 12.30 -1.66 -20.30
CA PHE D 52 12.77 -2.09 -18.98
C PHE D 52 14.15 -2.72 -19.03
N THR D 53 14.46 -3.48 -20.08
CA THR D 53 15.72 -4.20 -20.14
C THR D 53 16.86 -3.40 -20.76
N GLU D 54 16.57 -2.46 -21.66
CA GLU D 54 17.60 -1.65 -22.31
C GLU D 54 17.23 -0.16 -22.25
N PRO D 55 17.13 0.40 -21.04
CA PRO D 55 16.74 1.82 -20.93
C PRO D 55 17.86 2.81 -21.20
N ILE D 56 19.10 2.34 -21.41
CA ILE D 56 20.20 3.27 -21.63
C ILE D 56 19.93 4.11 -22.88
N LYS D 57 20.58 5.27 -22.95
CA LYS D 57 20.27 6.24 -24.00
C LYS D 57 20.67 5.70 -25.38
N ASP D 58 21.95 5.40 -25.56
CA ASP D 58 22.46 4.92 -26.83
C ASP D 58 22.14 3.45 -27.02
N VAL D 59 22.13 3.01 -28.29
CA VAL D 59 21.82 1.63 -28.62
C VAL D 59 22.98 0.73 -28.19
N LEU D 60 22.66 -0.52 -27.85
CA LEU D 60 23.64 -1.49 -27.40
C LEU D 60 23.66 -2.68 -28.35
N ILE D 61 24.87 -3.10 -28.74
CA ILE D 61 25.09 -4.31 -29.53
C ILE D 61 25.78 -5.32 -28.63
N LYS D 62 25.20 -6.51 -28.52
CA LYS D 62 25.67 -7.46 -27.51
C LYS D 62 27.03 -8.06 -27.87
N THR D 63 27.31 -8.26 -29.15
CA THR D 63 28.58 -8.89 -29.53
C THR D 63 29.77 -7.96 -29.30
N SER D 64 29.66 -6.70 -29.68
CA SER D 64 30.77 -5.77 -29.53
C SER D 64 31.02 -5.47 -28.05
N PRO D 65 32.26 -5.14 -27.68
CA PRO D 65 32.54 -4.82 -26.28
C PRO D 65 31.67 -3.67 -25.81
N MET D 66 31.13 -3.81 -24.60
CA MET D 66 30.13 -2.86 -24.12
C MET D 66 30.75 -1.48 -23.88
N LEU D 67 31.96 -1.42 -23.35
CA LEU D 67 32.67 -0.17 -23.14
C LEU D 67 34.07 -0.28 -23.73
N ASN D 68 34.48 0.78 -24.42
CA ASN D 68 35.81 0.82 -25.04
C ASN D 68 36.33 2.24 -25.10
N GLN E 1 -26.73 -4.83 22.00
CA GLN E 1 -25.97 -4.12 23.02
C GLN E 1 -24.47 -4.35 22.89
N VAL E 2 -23.73 -3.27 22.63
CA VAL E 2 -22.29 -3.29 22.64
C VAL E 2 -21.83 -3.15 24.09
N GLN E 3 -20.55 -3.39 24.35
CA GLN E 3 -20.00 -3.30 25.70
C GLN E 3 -18.86 -2.29 25.71
N LEU E 4 -18.94 -1.34 26.64
CA LEU E 4 -17.88 -0.37 26.89
C LEU E 4 -17.53 -0.43 28.37
N VAL E 5 -16.25 -0.65 28.67
CA VAL E 5 -15.79 -0.82 30.05
C VAL E 5 -14.65 0.15 30.30
N GLU E 6 -14.82 1.03 31.29
CA GLU E 6 -13.76 1.94 31.68
C GLU E 6 -13.00 1.39 32.88
N SER E 7 -11.76 1.86 33.03
CA SER E 7 -10.91 1.45 34.14
C SER E 7 -9.82 2.49 34.32
N GLY E 8 -9.04 2.33 35.39
CA GLY E 8 -7.93 3.21 35.68
C GLY E 8 -8.23 4.30 36.69
N GLY E 9 -9.48 4.46 37.10
CA GLY E 9 -9.82 5.50 38.05
C GLY E 9 -9.39 5.14 39.47
N GLY E 10 -9.26 6.16 40.29
CA GLY E 10 -8.87 5.96 41.67
C GLY E 10 -8.53 7.27 42.34
N VAL E 11 -7.86 7.16 43.48
CA VAL E 11 -7.44 8.32 44.25
C VAL E 11 -6.10 8.81 43.71
N VAL E 12 -5.98 10.12 43.52
CA VAL E 12 -4.77 10.75 43.00
C VAL E 12 -4.48 12.02 43.80
N GLN E 13 -3.21 12.22 44.10
CA GLN E 13 -2.81 13.42 44.83
C GLN E 13 -2.92 14.64 43.91
N PRO E 14 -3.22 15.82 44.45
CA PRO E 14 -3.32 17.01 43.60
C PRO E 14 -2.02 17.29 42.86
N GLY E 15 -2.14 17.77 41.63
CA GLY E 15 -1.00 18.13 40.81
C GLY E 15 -0.33 16.96 40.11
N ARG E 16 -0.80 15.74 40.31
CA ARG E 16 -0.21 14.57 39.68
C ARG E 16 -1.00 14.20 38.42
N SER E 17 -0.68 13.05 37.84
CA SER E 17 -1.25 12.61 36.59
C SER E 17 -1.92 11.26 36.75
N LEU E 18 -2.87 10.97 35.87
CA LEU E 18 -3.60 9.72 35.88
C LEU E 18 -3.97 9.36 34.45
N LYS E 19 -4.20 8.07 34.20
CA LYS E 19 -4.51 7.55 32.87
C LYS E 19 -5.76 6.70 32.95
N LEU E 20 -6.69 6.93 32.02
CA LEU E 20 -7.93 6.18 31.94
C LEU E 20 -7.99 5.40 30.64
N SER E 21 -8.66 4.24 30.68
CA SER E 21 -8.84 3.38 29.53
C SER E 21 -10.31 2.98 29.40
N CYS E 22 -10.73 2.74 28.17
CA CYS E 22 -12.09 2.30 27.87
C CYS E 22 -12.01 1.24 26.77
N ALA E 23 -12.31 0.00 27.13
CA ALA E 23 -12.24 -1.13 26.21
C ALA E 23 -13.61 -1.38 25.60
N ALA E 24 -13.66 -1.48 24.28
CA ALA E 24 -14.90 -1.65 23.54
C ALA E 24 -14.98 -3.04 22.93
N SER E 25 -16.20 -3.59 22.91
CA SER E 25 -16.42 -4.93 22.38
C SER E 25 -17.80 -5.00 21.74
N GLY E 26 -17.98 -5.98 20.86
CA GLY E 26 -19.26 -6.21 20.22
C GLY E 26 -19.51 -5.40 18.96
N PHE E 27 -18.52 -4.66 18.46
CA PHE E 27 -18.70 -3.88 17.25
C PHE E 27 -17.32 -3.50 16.71
N THR E 28 -17.31 -3.01 15.48
CA THR E 28 -16.07 -2.59 14.84
C THR E 28 -15.60 -1.27 15.43
N PHE E 29 -14.60 -1.32 16.31
CA PHE E 29 -14.18 -0.13 17.03
C PHE E 29 -13.62 0.93 16.10
N SER E 30 -12.86 0.50 15.08
CA SER E 30 -12.11 1.44 14.25
C SER E 30 -12.98 2.17 13.23
N THR E 31 -14.31 2.12 13.36
CA THR E 31 -15.20 2.83 12.44
C THR E 31 -16.17 3.75 13.16
N TYR E 32 -15.86 4.16 14.38
CA TYR E 32 -16.70 5.07 15.16
C TYR E 32 -15.86 6.09 15.88
N ALA E 33 -16.41 7.29 16.06
CA ALA E 33 -15.78 8.29 16.91
C ALA E 33 -16.19 8.07 18.36
N MET E 34 -15.26 8.34 19.27
CA MET E 34 -15.44 8.05 20.69
C MET E 34 -15.32 9.32 21.49
N HIS E 35 -16.05 9.40 22.60
CA HIS E 35 -16.20 10.62 23.38
C HIS E 35 -15.89 10.34 24.84
N TRP E 36 -15.50 11.39 25.56
CA TRP E 36 -15.38 11.37 27.01
C TRP E 36 -16.32 12.40 27.62
N VAL E 37 -17.13 11.97 28.58
CA VAL E 37 -18.06 12.84 29.29
C VAL E 37 -17.94 12.52 30.77
N ARG E 38 -17.95 13.58 31.58
CA ARG E 38 -17.78 13.44 33.02
C ARG E 38 -18.94 14.11 33.76
N GLN E 39 -19.18 13.65 34.98
CA GLN E 39 -20.26 14.15 35.81
C GLN E 39 -19.74 14.29 37.24
N ALA E 40 -19.64 15.52 37.72
CA ALA E 40 -19.24 15.73 39.10
C ALA E 40 -20.34 15.21 40.03
N PRO E 41 -19.98 14.75 41.23
CA PRO E 41 -20.99 14.22 42.15
C PRO E 41 -22.13 15.19 42.41
N GLY E 42 -23.34 14.83 42.01
CA GLY E 42 -24.51 15.65 42.25
C GLY E 42 -24.72 16.78 41.26
N LYS E 43 -23.92 16.85 40.20
CA LYS E 43 -24.00 17.92 39.22
C LYS E 43 -24.42 17.36 37.86
N GLY E 44 -24.42 18.23 36.85
CA GLY E 44 -24.82 17.83 35.52
C GLY E 44 -23.67 17.31 34.69
N LEU E 45 -24.01 16.84 33.49
CA LEU E 45 -23.03 16.26 32.58
C LEU E 45 -22.16 17.35 31.96
N GLU E 46 -20.95 16.97 31.55
CA GLU E 46 -19.98 17.89 30.97
C GLU E 46 -19.13 17.16 29.95
N TRP E 47 -19.08 17.69 28.73
CA TRP E 47 -18.34 17.04 27.65
C TRP E 47 -16.87 17.38 27.72
N VAL E 48 -16.01 16.45 27.31
CA VAL E 48 -14.56 16.57 27.43
C VAL E 48 -13.87 16.64 26.07
N ALA E 49 -13.96 15.57 25.28
CA ALA E 49 -13.20 15.51 24.04
C ALA E 49 -13.75 14.40 23.14
N VAL E 50 -13.36 14.48 21.87
CA VAL E 50 -13.76 13.51 20.85
C VAL E 50 -12.57 13.22 19.95
N MET E 51 -12.61 12.06 19.30
CA MET E 51 -11.60 11.67 18.33
C MET E 51 -12.28 10.93 17.18
N TRP E 52 -11.94 11.30 15.95
CA TRP E 52 -12.69 10.89 14.76
C TRP E 52 -12.10 9.63 14.12
N ASN E 53 -12.08 8.54 14.89
CA ASN E 53 -11.92 7.16 14.42
C ASN E 53 -10.67 6.96 13.56
N ASP E 54 -9.80 7.97 13.46
CA ASP E 54 -8.57 7.82 12.71
C ASP E 54 -7.33 7.93 13.59
N GLY E 55 -7.49 8.40 14.82
CA GLY E 55 -6.36 8.51 15.72
C GLY E 55 -5.56 9.79 15.58
N LEU E 56 -5.99 10.72 14.74
CA LEU E 56 -5.21 11.92 14.48
C LEU E 56 -6.01 13.19 14.74
N ASN E 57 -7.29 13.20 14.34
CA ASN E 57 -8.12 14.39 14.49
C ASN E 57 -8.89 14.33 15.80
N LYS E 58 -8.93 15.45 16.51
CA LYS E 58 -9.48 15.47 17.85
C LYS E 58 -9.91 16.88 18.20
N TYR E 59 -10.63 16.99 19.32
CA TYR E 59 -11.11 18.27 19.83
C TYR E 59 -11.23 18.17 21.35
N TYR E 60 -10.92 19.28 22.02
CA TYR E 60 -10.97 19.34 23.48
C TYR E 60 -11.87 20.48 23.92
N ALA E 61 -12.60 20.26 25.02
CA ALA E 61 -13.32 21.33 25.66
C ALA E 61 -12.34 22.24 26.40
N GLU E 62 -12.77 23.48 26.62
CA GLU E 62 -11.87 24.48 27.18
C GLU E 62 -11.44 24.15 28.61
N SER E 63 -12.22 23.33 29.33
CA SER E 63 -11.87 23.01 30.71
C SER E 63 -10.59 22.20 30.81
N GLY E 64 -10.38 21.22 29.95
CA GLY E 64 -9.22 20.34 30.05
C GLY E 64 -8.18 20.58 28.98
N LYS E 65 -8.42 21.57 28.11
CA LYS E 65 -7.49 21.85 27.03
C LYS E 65 -6.12 22.22 27.58
N GLY E 66 -5.08 21.64 27.00
CA GLY E 66 -3.72 21.89 27.44
C GLY E 66 -3.21 20.87 28.44
N ARG E 67 -4.12 20.34 29.26
CA ARG E 67 -3.77 19.38 30.29
C ARG E 67 -4.07 17.94 29.89
N PHE E 68 -5.17 17.72 29.16
CA PHE E 68 -5.63 16.39 28.82
C PHE E 68 -5.15 15.99 27.42
N THR E 69 -5.04 14.69 27.21
CA THR E 69 -4.65 14.12 25.92
C THR E 69 -5.53 12.92 25.63
N ILE E 70 -6.05 12.85 24.41
CA ILE E 70 -6.91 11.76 23.98
C ILE E 70 -6.25 11.03 22.83
N PHE E 71 -6.18 9.70 22.92
CA PHE E 71 -5.62 8.88 21.86
C PHE E 71 -6.23 7.49 21.96
N ARG E 72 -6.12 6.75 20.86
CA ARG E 72 -6.77 5.45 20.74
C ARG E 72 -5.86 4.48 20.03
N ASP E 73 -6.15 3.19 20.21
CA ASP E 73 -5.42 2.09 19.57
C ASP E 73 -6.47 1.21 18.91
N ASN E 74 -6.57 1.29 17.58
CA ASN E 74 -7.63 0.60 16.87
C ASN E 74 -7.41 -0.91 16.81
N PHE E 75 -6.17 -1.37 16.98
CA PHE E 75 -5.89 -2.81 16.95
C PHE E 75 -6.28 -3.50 18.24
N LYS E 76 -6.18 -2.82 19.38
CA LYS E 76 -6.66 -3.36 20.65
C LYS E 76 -8.07 -2.89 20.98
N SER E 77 -8.68 -2.05 20.14
CA SER E 77 -10.02 -1.55 20.39
C SER E 77 -10.12 -0.88 21.75
N THR E 78 -9.20 0.04 22.02
CA THR E 78 -9.12 0.70 23.32
C THR E 78 -9.03 2.22 23.12
N LEU E 79 -9.57 2.96 24.09
CA LEU E 79 -9.54 4.41 24.10
C LEU E 79 -8.87 4.88 25.38
N TYR E 80 -8.03 5.91 25.27
CA TYR E 80 -7.23 6.39 26.39
C TYR E 80 -7.46 7.88 26.61
N LEU E 81 -7.30 8.28 27.87
CA LEU E 81 -7.34 9.68 28.27
C LEU E 81 -6.26 9.91 29.31
N GLN E 82 -5.28 10.75 28.99
CA GLN E 82 -4.19 11.08 29.90
C GLN E 82 -4.45 12.45 30.50
N MET E 83 -4.42 12.52 31.83
CA MET E 83 -4.70 13.75 32.56
C MET E 83 -3.47 14.14 33.37
N ASN E 84 -3.10 15.42 33.28
CA ASN E 84 -1.92 15.94 33.97
C ASN E 84 -2.31 17.17 34.78
N SER E 85 -1.56 17.40 35.86
CA SER E 85 -1.78 18.55 36.75
C SER E 85 -3.20 18.56 37.28
N LEU E 86 -3.70 17.39 37.69
CA LEU E 86 -5.08 17.28 38.11
C LEU E 86 -5.36 18.20 39.30
N ARG E 87 -6.46 18.94 39.22
CA ARG E 87 -6.91 19.81 40.29
C ARG E 87 -8.03 19.15 41.07
N ALA E 88 -8.38 19.78 42.20
CA ALA E 88 -9.47 19.25 43.02
C ALA E 88 -10.80 19.35 42.30
N GLU E 89 -10.89 20.19 41.27
CA GLU E 89 -12.15 20.35 40.53
C GLU E 89 -12.36 19.27 39.48
N ASP E 90 -11.39 18.38 39.28
CA ASP E 90 -11.52 17.33 38.27
C ASP E 90 -12.16 16.05 38.84
N THR E 91 -12.55 16.04 40.11
CA THR E 91 -13.19 14.88 40.70
C THR E 91 -14.56 14.68 40.06
N ALA E 92 -14.78 13.50 39.46
CA ALA E 92 -16.03 13.21 38.79
C ALA E 92 -15.99 11.78 38.27
N VAL E 93 -17.15 11.31 37.82
CA VAL E 93 -17.25 10.01 37.15
C VAL E 93 -17.10 10.24 35.65
N TYR E 94 -16.21 9.49 35.02
CA TYR E 94 -15.88 9.67 33.61
C TYR E 94 -16.49 8.55 32.79
N TYR E 95 -17.19 8.92 31.72
CA TYR E 95 -17.86 7.99 30.83
C TYR E 95 -17.19 8.02 29.46
N CYS E 96 -17.12 6.87 28.81
CA CYS E 96 -16.78 6.81 27.39
C CYS E 96 -18.00 6.41 26.58
N ALA E 97 -18.31 7.22 25.57
CA ALA E 97 -19.54 7.07 24.82
C ALA E 97 -19.24 6.95 23.33
N ARG E 98 -20.22 6.44 22.59
CA ARG E 98 -20.11 6.21 21.15
C ARG E 98 -21.24 6.93 20.43
N ASP E 99 -20.89 7.74 19.44
CA ASP E 99 -21.85 8.49 18.66
C ASP E 99 -22.08 7.80 17.31
N ARG E 100 -22.82 8.46 16.42
CA ARG E 100 -23.21 7.87 15.15
C ARG E 100 -22.28 8.23 14.00
N SER E 101 -21.21 8.98 14.24
CA SER E 101 -20.25 9.31 13.19
C SER E 101 -19.39 8.09 12.89
N ARG E 102 -19.59 7.49 11.72
CA ARG E 102 -18.96 6.21 11.42
C ARG E 102 -17.71 6.35 10.57
N TYR E 103 -17.83 6.89 9.36
CA TYR E 103 -16.67 7.18 8.52
C TYR E 103 -16.62 8.69 8.28
N CYS E 104 -16.01 9.38 9.24
CA CYS E 104 -16.05 10.84 9.29
C CYS E 104 -14.84 11.36 10.04
N SER E 105 -14.24 12.42 9.51
CA SER E 105 -13.12 13.09 10.15
C SER E 105 -13.30 14.60 10.13
N ASN E 106 -14.55 15.05 10.13
CA ASN E 106 -14.85 16.46 9.96
C ASN E 106 -16.19 16.78 10.62
N ILE E 107 -16.33 18.01 11.09
CA ILE E 107 -17.57 18.42 11.74
C ILE E 107 -18.71 18.46 10.73
N SER E 108 -18.38 18.66 9.46
CA SER E 108 -19.40 18.87 8.43
C SER E 108 -20.33 17.67 8.28
N CYS E 109 -19.79 16.45 8.31
CA CYS E 109 -20.61 15.25 8.11
C CYS E 109 -20.71 14.39 9.36
N SER E 110 -20.29 14.91 10.52
CA SER E 110 -20.51 14.21 11.77
C SER E 110 -21.86 14.61 12.37
N ARG E 111 -22.34 13.78 13.29
CA ARG E 111 -23.53 14.13 14.07
C ARG E 111 -23.43 13.43 15.42
N PHE E 112 -23.47 14.21 16.49
CA PHE E 112 -23.11 13.74 17.83
C PHE E 112 -24.37 13.37 18.62
N ILE E 113 -24.82 12.14 18.39
CA ILE E 113 -25.91 11.54 19.16
C ILE E 113 -25.35 10.28 19.81
N PHE E 114 -25.34 10.26 21.14
CA PHE E 114 -24.69 9.19 21.89
C PHE E 114 -25.65 8.02 22.07
N ASP E 115 -25.35 6.92 21.40
CA ASP E 115 -26.24 5.75 21.48
C ASP E 115 -25.88 4.86 22.67
N TYR E 116 -24.59 4.79 23.02
CA TYR E 116 -24.12 3.88 24.04
C TYR E 116 -23.24 4.62 25.04
N TRP E 117 -23.31 4.18 26.29
CA TRP E 117 -22.52 4.73 27.39
C TRP E 117 -21.90 3.60 28.17
N GLY E 118 -20.74 3.85 28.77
CA GLY E 118 -20.12 2.88 29.64
C GLY E 118 -20.65 2.97 31.06
N GLN E 119 -20.13 2.09 31.92
CA GLN E 119 -20.56 2.10 33.31
C GLN E 119 -19.96 3.26 34.09
N GLY E 120 -18.82 3.79 33.64
CA GLY E 120 -18.21 4.93 34.30
C GLY E 120 -17.20 4.54 35.36
N THR E 121 -16.09 5.28 35.42
CA THR E 121 -15.06 5.07 36.42
C THR E 121 -14.85 6.36 37.20
N LEU E 122 -14.67 6.23 38.51
CA LEU E 122 -14.60 7.38 39.40
C LEU E 122 -13.15 7.82 39.60
N VAL E 123 -12.93 9.13 39.56
CA VAL E 123 -11.62 9.72 39.81
C VAL E 123 -11.77 10.69 40.98
N THR E 124 -10.91 10.53 41.99
CA THR E 124 -10.94 11.36 43.18
C THR E 124 -9.59 12.05 43.33
N VAL E 125 -9.60 13.37 43.37
CA VAL E 125 -8.40 14.18 43.54
C VAL E 125 -8.39 14.65 44.99
N SER E 126 -7.64 13.96 45.83
CA SER E 126 -7.58 14.29 47.26
C SER E 126 -6.30 13.73 47.84
N SER E 127 -5.95 14.22 49.03
CA SER E 127 -4.76 13.76 49.73
C SER E 127 -5.10 13.38 51.18
N ASP F 1 -19.42 29.79 21.87
CA ASP F 1 -20.03 28.75 22.70
C ASP F 1 -21.50 29.03 22.90
N ILE F 2 -22.26 27.98 23.21
CA ILE F 2 -23.71 28.08 23.37
C ILE F 2 -24.08 27.58 24.76
N GLN F 3 -24.94 28.32 25.43
CA GLN F 3 -25.36 28.01 26.79
C GLN F 3 -26.79 27.47 26.77
N MET F 4 -27.00 26.35 27.45
CA MET F 4 -28.30 25.72 27.56
C MET F 4 -28.84 25.94 28.97
N THR F 5 -30.06 26.47 29.07
CA THR F 5 -30.70 26.76 30.34
C THR F 5 -31.95 25.90 30.46
N GLN F 6 -32.05 25.14 31.55
CA GLN F 6 -33.18 24.28 31.82
C GLN F 6 -34.00 24.83 32.98
N SER F 7 -35.31 24.71 32.88
CA SER F 7 -36.22 25.12 33.93
C SER F 7 -37.48 24.27 33.85
N PRO F 8 -38.06 23.87 34.99
CA PRO F 8 -37.61 24.09 36.37
C PRO F 8 -36.46 23.18 36.76
N SER F 9 -35.73 23.49 37.82
CA SER F 9 -34.67 22.59 38.28
C SER F 9 -35.23 21.29 38.83
N SER F 10 -36.43 21.33 39.42
CA SER F 10 -37.08 20.13 39.92
C SER F 10 -38.58 20.38 39.99
N LEU F 11 -39.34 19.28 40.02
CA LEU F 11 -40.79 19.38 40.06
C LEU F 11 -41.37 18.11 40.65
N SER F 12 -42.63 18.19 41.07
CA SER F 12 -43.36 17.06 41.62
C SER F 12 -44.72 16.96 40.95
N ALA F 13 -45.17 15.74 40.73
CA ALA F 13 -46.47 15.50 40.10
C ALA F 13 -46.99 14.14 40.55
N SER F 14 -48.29 13.97 40.43
CA SER F 14 -48.93 12.72 40.80
C SER F 14 -49.01 11.78 39.58
N VAL F 15 -49.14 10.49 39.87
CA VAL F 15 -49.20 9.51 38.80
C VAL F 15 -50.38 9.82 37.88
N GLY F 16 -50.11 9.86 36.58
CA GLY F 16 -51.12 10.19 35.59
C GLY F 16 -51.15 11.65 35.19
N ASP F 17 -50.26 12.48 35.74
CA ASP F 17 -50.25 13.90 35.42
C ASP F 17 -49.48 14.16 34.12
N ARG F 18 -49.67 15.35 33.59
CA ARG F 18 -48.95 15.80 32.39
C ARG F 18 -47.84 16.74 32.82
N VAL F 19 -46.59 16.38 32.49
CA VAL F 19 -45.41 17.09 32.95
C VAL F 19 -44.69 17.67 31.74
N THR F 20 -44.24 18.92 31.86
CA THR F 20 -43.57 19.62 30.78
C THR F 20 -42.26 20.21 31.29
N ILE F 21 -41.20 20.06 30.50
CA ILE F 21 -39.87 20.56 30.85
C ILE F 21 -39.32 21.32 29.65
N THR F 22 -38.66 22.45 29.91
CA THR F 22 -38.17 23.32 28.85
C THR F 22 -36.66 23.51 28.95
N CYS F 23 -36.01 23.50 27.80
CA CYS F 23 -34.60 23.81 27.66
C CYS F 23 -34.46 24.95 26.65
N GLN F 24 -33.70 25.97 27.02
CA GLN F 24 -33.60 27.19 26.24
C GLN F 24 -32.16 27.42 25.81
N ALA F 25 -31.98 27.98 24.61
CA ALA F 25 -30.68 28.20 24.02
C ALA F 25 -30.41 29.69 23.86
N SER F 26 -29.13 30.08 23.96
CA SER F 26 -28.76 31.48 23.86
C SER F 26 -28.85 32.03 22.44
N GLN F 27 -28.98 31.17 21.43
CA GLN F 27 -29.15 31.62 20.06
C GLN F 27 -29.80 30.51 19.26
N ASP F 28 -30.28 30.86 18.08
CA ASP F 28 -31.03 29.92 17.25
C ASP F 28 -30.13 28.77 16.83
N ILE F 29 -30.59 27.54 17.05
CA ILE F 29 -29.81 26.34 16.71
C ILE F 29 -30.66 25.41 15.86
N ASN F 30 -31.59 25.96 15.10
CA ASN F 30 -32.47 25.16 14.24
C ASN F 30 -33.16 24.08 15.07
N ASN F 31 -32.76 22.82 14.88
CA ASN F 31 -33.37 21.70 15.57
C ASN F 31 -32.32 20.69 16.03
N TYR F 32 -31.17 21.19 16.50
CA TYR F 32 -30.07 20.33 16.93
C TYR F 32 -30.07 20.22 18.47
N LEU F 33 -30.88 19.29 18.95
CA LEU F 33 -30.99 19.06 20.39
C LEU F 33 -31.47 17.65 20.67
N ASN F 34 -30.89 17.04 21.70
CA ASN F 34 -31.24 15.70 22.16
C ASN F 34 -31.73 15.75 23.61
N TRP F 35 -32.45 14.70 24.00
CA TRP F 35 -32.90 14.52 25.37
C TRP F 35 -32.43 13.18 25.89
N TYR F 36 -31.99 13.16 27.16
CA TYR F 36 -31.52 11.94 27.81
C TYR F 36 -32.23 11.76 29.14
N GLN F 37 -32.34 10.49 29.54
CA GLN F 37 -32.86 10.11 30.85
C GLN F 37 -31.78 9.40 31.64
N GLN F 38 -31.69 9.69 32.93
CA GLN F 38 -30.66 9.11 33.79
C GLN F 38 -31.28 8.74 35.12
N LYS F 39 -31.48 7.45 35.36
CA LYS F 39 -31.93 6.97 36.65
C LYS F 39 -30.77 6.93 37.63
N PRO F 40 -31.05 6.90 38.94
CA PRO F 40 -29.98 7.00 39.93
C PRO F 40 -28.92 5.93 39.73
N GLY F 41 -27.65 6.36 39.78
CA GLY F 41 -26.55 5.43 39.73
C GLY F 41 -26.35 4.72 38.41
N LYS F 42 -26.81 5.31 37.31
CA LYS F 42 -26.71 4.68 36.00
C LYS F 42 -26.39 5.74 34.95
N ALA F 43 -25.93 5.28 33.80
CA ALA F 43 -25.58 6.17 32.71
C ALA F 43 -26.84 6.69 32.02
N PRO F 44 -26.73 7.80 31.28
CA PRO F 44 -27.91 8.35 30.60
C PRO F 44 -28.43 7.41 29.52
N ASN F 45 -29.70 7.60 29.18
CA ASN F 45 -30.36 6.89 28.09
C ASN F 45 -30.97 7.90 27.13
N LEU F 46 -30.84 7.65 25.83
CA LEU F 46 -31.38 8.55 24.84
C LEU F 46 -32.89 8.40 24.72
N LEU F 47 -33.60 9.53 24.75
CA LEU F 47 -35.05 9.56 24.55
C LEU F 47 -35.43 10.15 23.20
N ILE F 48 -34.98 11.37 22.92
CA ILE F 48 -35.35 12.11 21.71
C ILE F 48 -34.09 12.53 21.00
N TYR F 49 -34.18 12.67 19.69
CA TYR F 49 -33.09 13.24 18.89
C TYR F 49 -33.69 14.05 17.76
N ASP F 50 -32.91 15.02 17.28
CA ASP F 50 -33.39 16.01 16.31
C ASP F 50 -34.58 16.78 16.87
N ALA F 51 -34.71 16.78 18.20
CA ALA F 51 -35.68 17.58 18.92
C ALA F 51 -37.10 17.06 18.78
N SER F 52 -37.32 16.06 17.92
CA SER F 52 -38.66 15.49 17.76
C SER F 52 -38.69 13.97 17.61
N ASN F 53 -37.62 13.32 17.15
CA ASN F 53 -37.67 11.90 16.82
C ASN F 53 -37.59 11.07 18.09
N LEU F 54 -38.49 10.10 18.22
CA LEU F 54 -38.51 9.24 19.39
C LEU F 54 -37.63 8.02 19.16
N GLU F 55 -36.70 7.77 20.07
CA GLU F 55 -35.80 6.63 19.95
C GLU F 55 -36.59 5.33 20.04
N THR F 56 -36.15 4.33 19.28
CA THR F 56 -36.85 3.06 19.24
C THR F 56 -36.81 2.39 20.62
N GLY F 57 -37.95 1.87 21.05
CA GLY F 57 -38.10 1.25 22.34
C GLY F 57 -38.56 2.16 23.45
N VAL F 58 -38.58 3.47 23.21
CA VAL F 58 -39.04 4.42 24.24
C VAL F 58 -40.57 4.41 24.28
N PRO F 59 -41.20 4.49 25.45
CA PRO F 59 -42.66 4.54 25.50
C PRO F 59 -43.20 5.74 24.74
N SER F 60 -44.37 5.56 24.14
CA SER F 60 -44.97 6.59 23.29
C SER F 60 -45.49 7.78 24.09
N ARG F 61 -45.39 7.78 25.42
CA ARG F 61 -45.84 8.92 26.21
C ARG F 61 -44.81 10.04 26.24
N PHE F 62 -43.60 9.81 25.74
CA PHE F 62 -42.60 10.86 25.60
C PHE F 62 -42.69 11.49 24.22
N SER F 63 -42.55 12.82 24.19
CA SER F 63 -42.56 13.54 22.93
C SER F 63 -41.83 14.87 23.10
N GLY F 64 -41.14 15.29 22.06
CA GLY F 64 -40.37 16.52 22.06
C GLY F 64 -40.86 17.47 20.98
N GLY F 65 -40.64 18.76 21.20
CA GLY F 65 -41.06 19.77 20.25
C GLY F 65 -40.23 21.03 20.40
N GLY F 66 -40.58 22.03 19.61
CA GLY F 66 -39.90 23.30 19.63
C GLY F 66 -38.83 23.41 18.55
N SER F 67 -38.31 24.63 18.40
CA SER F 67 -37.28 24.90 17.42
C SER F 67 -36.72 26.29 17.68
N GLY F 68 -35.53 26.53 17.15
CA GLY F 68 -34.90 27.83 17.30
C GLY F 68 -34.18 28.00 18.61
N THR F 69 -34.81 28.70 19.55
CA THR F 69 -34.23 28.97 20.86
C THR F 69 -34.99 28.32 22.01
N ASP F 70 -36.17 27.77 21.76
CA ASP F 70 -36.98 27.17 22.82
C ASP F 70 -37.35 25.75 22.44
N PHE F 71 -37.26 24.85 23.42
CA PHE F 71 -37.56 23.43 23.21
C PHE F 71 -38.32 22.91 24.42
N THR F 72 -39.04 21.81 24.22
CA THR F 72 -39.94 21.29 25.25
C THR F 72 -39.93 19.76 25.23
N LEU F 73 -39.89 19.17 26.41
CA LEU F 73 -40.10 17.74 26.59
C LEU F 73 -41.33 17.55 27.47
N THR F 74 -42.24 16.70 27.04
CA THR F 74 -43.51 16.50 27.74
C THR F 74 -43.78 15.01 27.91
N ILE F 75 -44.38 14.66 29.05
CA ILE F 75 -44.84 13.31 29.35
C ILE F 75 -46.35 13.38 29.48
N SER F 76 -47.05 12.66 28.61
CA SER F 76 -48.51 12.76 28.58
C SER F 76 -49.14 12.23 29.86
N SER F 77 -48.62 11.13 30.40
CA SER F 77 -49.18 10.54 31.62
C SER F 77 -48.02 9.97 32.43
N LEU F 78 -47.66 10.65 33.51
CA LEU F 78 -46.53 10.23 34.33
C LEU F 78 -46.79 8.86 34.94
N GLN F 79 -45.75 8.05 35.02
CA GLN F 79 -45.80 6.72 35.61
C GLN F 79 -44.77 6.59 36.72
N PRO F 80 -44.92 5.60 37.60
CA PRO F 80 -44.00 5.48 38.75
C PRO F 80 -42.54 5.39 38.37
N GLU F 81 -42.21 4.75 37.24
CA GLU F 81 -40.82 4.52 36.89
C GLU F 81 -40.20 5.67 36.10
N ASP F 82 -40.94 6.76 35.87
CA ASP F 82 -40.40 7.90 35.15
C ASP F 82 -39.58 8.84 36.03
N VAL F 83 -39.55 8.62 37.34
CA VAL F 83 -38.79 9.49 38.24
C VAL F 83 -37.31 9.34 37.90
N ALA F 84 -36.69 10.42 37.43
CA ALA F 84 -35.28 10.41 37.05
C ALA F 84 -34.87 11.84 36.76
N THR F 85 -33.63 12.00 36.31
CA THR F 85 -33.11 13.29 35.86
C THR F 85 -33.12 13.34 34.34
N TYR F 86 -33.43 14.51 33.80
CA TYR F 86 -33.58 14.70 32.36
C TYR F 86 -32.66 15.83 31.89
N HIS F 87 -31.91 15.58 30.83
CA HIS F 87 -30.88 16.49 30.34
C HIS F 87 -31.17 16.86 28.89
N CYS F 88 -30.79 18.08 28.51
CA CYS F 88 -30.83 18.51 27.12
C CYS F 88 -29.40 18.74 26.61
N GLN F 89 -29.18 18.40 25.35
CA GLN F 89 -27.85 18.41 24.75
C GLN F 89 -27.95 18.88 23.31
N HIS F 90 -27.15 19.88 22.96
CA HIS F 90 -27.14 20.44 21.62
C HIS F 90 -25.89 20.00 20.86
N TYR F 91 -26.02 19.97 19.53
CA TYR F 91 -24.87 19.70 18.67
C TYR F 91 -24.84 20.64 17.47
N ASP F 92 -25.15 21.92 17.69
CA ASP F 92 -25.07 22.89 16.60
C ASP F 92 -23.64 23.05 16.10
N ASN F 93 -22.68 23.12 17.01
CA ASN F 93 -21.28 23.24 16.65
C ASN F 93 -20.44 22.85 17.86
N LEU F 94 -19.16 22.55 17.61
CA LEU F 94 -18.26 22.24 18.70
C LEU F 94 -17.83 23.53 19.41
N PRO F 95 -17.59 23.49 20.72
CA PRO F 95 -17.72 22.32 21.62
C PRO F 95 -19.15 22.02 22.00
N LEU F 96 -19.47 20.76 22.29
CA LEU F 96 -20.80 20.39 22.73
C LEU F 96 -21.02 20.80 24.19
N SER F 97 -22.28 20.79 24.61
CA SER F 97 -22.62 21.14 25.98
C SER F 97 -23.96 20.54 26.35
N PHE F 98 -24.14 20.29 27.64
CA PHE F 98 -25.38 19.78 28.20
C PHE F 98 -26.08 20.87 29.01
N GLY F 99 -27.32 20.57 29.41
CA GLY F 99 -28.05 21.44 30.30
C GLY F 99 -27.78 21.13 31.76
N GLY F 100 -28.48 21.86 32.63
CA GLY F 100 -28.31 21.66 34.06
C GLY F 100 -29.04 20.46 34.62
N GLY F 101 -30.04 19.94 33.93
CA GLY F 101 -30.79 18.79 34.39
C GLY F 101 -32.02 19.17 35.19
N THR F 102 -33.04 18.32 35.16
CA THR F 102 -34.29 18.53 35.89
C THR F 102 -34.69 17.24 36.58
N LYS F 103 -34.94 17.31 37.88
CA LYS F 103 -35.36 16.15 38.64
C LYS F 103 -36.89 16.02 38.61
N VAL F 104 -37.37 14.80 38.48
CA VAL F 104 -38.80 14.50 38.49
C VAL F 104 -39.08 13.56 39.65
N GLU F 105 -40.07 13.91 40.48
CA GLU F 105 -40.42 13.13 41.65
C GLU F 105 -41.94 13.08 41.75
N ILE F 106 -42.44 12.05 42.44
CA ILE F 106 -43.87 11.89 42.65
C ILE F 106 -44.31 12.80 43.79
N LYS F 107 -45.49 13.40 43.64
CA LYS F 107 -46.03 14.28 44.67
C LYS F 107 -46.75 13.47 45.74
#